data_8CXA
#
_entry.id   8CXA
#
_cell.length_a   60.860
_cell.length_b   128.780
_cell.length_c   60.900
_cell.angle_alpha   90.000
_cell.angle_beta   96.030
_cell.angle_gamma   90.000
#
_symmetry.space_group_name_H-M   'P 1 21 1'
#
loop_
_entity.id
_entity.type
_entity.pdbx_description
1 polymer '3-oxoacyl-[acyl-carrier-protein] reductase'
2 non-polymer NICOTINAMIDE-ADENINE-DINUCLEOTIDE
3 water water
#
_entity_poly.entity_id   1
_entity_poly.type   'polypeptide(L)'
_entity_poly.pdbx_seq_one_letter_code
;MAHHHHHHMGTLEAQTQGPGSMVRLANRVAIITGAAQGIGRIYAERFAEEGAAVVVADINEPKATEVASSITSLGGRAIA
AAVDVSDVESVNRMVDSAVEAFGTVDILVNNAAIFSTLKMKPFEEISGDEWDKLFAVNAKGTFLCCQAVSPVMRKNQYGR
IINISSSVVVTGRPNYAHYIASKGAVWALTHALATEMGTDGITVNTVSPHGIITEIPRETISEEGWRRNLEEQALKRKGD
ASDLVGILLYLASDESKFMTGQTVALDAGLRFT
;
_entity_poly.pdbx_strand_id   A,B,C,D
#
# COMPACT_ATOMS: atom_id res chain seq x y z
N VAL A 23 11.61 3.20 -31.74
CA VAL A 23 10.34 2.77 -32.31
C VAL A 23 9.51 2.07 -31.26
N ARG A 24 9.58 2.54 -30.02
CA ARG A 24 8.91 1.87 -28.91
C ARG A 24 7.40 1.78 -29.12
N LEU A 25 6.81 2.75 -29.82
CA LEU A 25 5.37 2.81 -30.03
C LEU A 25 5.01 2.77 -31.51
N ALA A 26 5.83 2.10 -32.31
CA ALA A 26 5.58 2.03 -33.75
C ALA A 26 4.18 1.46 -34.00
N ASN A 27 3.48 2.08 -34.96
CA ASN A 27 2.17 1.63 -35.43
C ASN A 27 1.12 1.66 -34.32
N ARG A 28 1.26 2.58 -33.37
CA ARG A 28 0.28 2.75 -32.31
C ARG A 28 -0.23 4.19 -32.33
N VAL A 29 -1.45 4.39 -31.83
CA VAL A 29 -2.10 5.69 -31.81
C VAL A 29 -2.36 6.05 -30.36
N ALA A 30 -1.93 7.25 -29.95
CA ALA A 30 -2.10 7.69 -28.57
C ALA A 30 -2.82 9.04 -28.52
N ILE A 31 -3.85 9.12 -27.69
CA ILE A 31 -4.45 10.39 -27.30
C ILE A 31 -3.83 10.80 -25.97
N ILE A 32 -3.33 12.03 -25.90
CA ILE A 32 -2.84 12.61 -24.66
C ILE A 32 -3.64 13.87 -24.39
N THR A 33 -4.37 13.90 -23.29
CA THR A 33 -5.10 15.11 -22.93
C THR A 33 -4.20 16.06 -22.16
N GLY A 34 -4.56 17.34 -22.18
CA GLY A 34 -3.71 18.34 -21.56
C GLY A 34 -2.34 18.43 -22.18
N ALA A 35 -2.21 18.16 -23.48
CA ALA A 35 -0.91 18.02 -24.12
C ALA A 35 -0.40 19.31 -24.77
N ALA A 36 -1.08 20.45 -24.62
CA ALA A 36 -0.59 21.67 -25.25
C ALA A 36 0.58 22.31 -24.52
N GLN A 37 0.87 21.88 -23.29
CA GLN A 37 1.94 22.50 -22.52
C GLN A 37 2.39 21.53 -21.44
N GLY A 38 3.48 21.89 -20.76
CA GLY A 38 3.90 21.17 -19.59
C GLY A 38 4.28 19.72 -19.89
N ILE A 39 4.05 18.87 -18.91
CA ILE A 39 4.51 17.49 -19.05
C ILE A 39 3.76 16.78 -20.15
N GLY A 40 2.48 17.08 -20.36
CA GLY A 40 1.73 16.43 -21.41
C GLY A 40 2.27 16.74 -22.79
N ARG A 41 2.80 17.95 -22.99
CA ARG A 41 3.45 18.27 -24.26
C ARG A 41 4.66 17.38 -24.48
N ILE A 42 5.43 17.12 -23.42
CA ILE A 42 6.60 16.27 -23.56
C ILE A 42 6.18 14.84 -23.86
N TYR A 43 5.12 14.35 -23.21
CA TYR A 43 4.60 13.02 -23.57
C TYR A 43 4.29 12.94 -25.05
N ALA A 44 3.60 13.95 -25.58
CA ALA A 44 3.23 13.94 -26.99
C ALA A 44 4.46 13.90 -27.88
N GLU A 45 5.42 14.79 -27.60
CA GLU A 45 6.62 14.87 -28.43
C GLU A 45 7.41 13.57 -28.37
N ARG A 46 7.57 13.00 -27.18
CA ARG A 46 8.38 11.80 -27.06
C ARG A 46 7.65 10.58 -27.62
N PHE A 47 6.33 10.50 -27.42
CA PHE A 47 5.56 9.41 -28.01
C PHE A 47 5.67 9.44 -29.53
N ALA A 48 5.60 10.63 -30.13
CA ALA A 48 5.73 10.72 -31.59
C ALA A 48 7.15 10.38 -32.04
N GLU A 49 8.16 10.76 -31.25
CA GLU A 49 9.52 10.35 -31.57
C GLU A 49 9.65 8.84 -31.59
N GLU A 50 8.87 8.15 -30.75
CA GLU A 50 8.89 6.69 -30.67
C GLU A 50 7.89 6.05 -31.61
N GLY A 51 7.39 6.79 -32.60
CA GLY A 51 6.62 6.22 -33.69
C GLY A 51 5.11 6.29 -33.53
N ALA A 52 4.61 6.78 -32.40
CA ALA A 52 3.19 6.85 -32.19
C ALA A 52 2.59 7.98 -33.03
N ALA A 53 1.41 7.73 -33.57
CA ALA A 53 0.58 8.82 -34.08
C ALA A 53 -0.12 9.44 -32.88
N VAL A 54 0.08 10.74 -32.66
CA VAL A 54 -0.31 11.37 -31.42
C VAL A 54 -1.45 12.35 -31.68
N VAL A 55 -2.49 12.26 -30.86
CA VAL A 55 -3.54 13.26 -30.82
C VAL A 55 -3.23 14.19 -29.67
N VAL A 56 -2.82 15.41 -29.98
CA VAL A 56 -2.51 16.43 -28.99
C VAL A 56 -3.83 17.07 -28.60
N ALA A 57 -4.41 16.64 -27.49
CA ALA A 57 -5.75 17.08 -27.09
C ALA A 57 -5.64 18.10 -25.97
N ASP A 58 -6.32 19.23 -26.12
CA ASP A 58 -6.20 20.28 -25.12
C ASP A 58 -7.39 21.22 -25.25
N ILE A 59 -7.70 21.91 -24.14
CA ILE A 59 -8.72 22.96 -24.19
C ILE A 59 -8.22 24.13 -25.03
N ASN A 60 -6.91 24.30 -25.14
CA ASN A 60 -6.31 25.43 -25.87
C ASN A 60 -5.95 24.93 -27.27
N GLU A 61 -6.84 25.16 -28.24
CA GLU A 61 -6.62 24.61 -29.58
C GLU A 61 -5.41 25.24 -30.27
N PRO A 62 -5.22 26.57 -30.25
CA PRO A 62 -4.01 27.11 -30.91
C PRO A 62 -2.71 26.53 -30.37
N LYS A 63 -2.58 26.42 -29.04
CA LYS A 63 -1.35 25.90 -28.47
C LYS A 63 -1.18 24.41 -28.79
N ALA A 64 -2.28 23.65 -28.76
CA ALA A 64 -2.22 22.25 -29.20
C ALA A 64 -1.80 22.16 -30.66
N THR A 65 -2.27 23.09 -31.49
CA THR A 65 -1.85 23.11 -32.90
C THR A 65 -0.37 23.41 -33.02
N GLU A 66 0.17 24.27 -32.15
CA GLU A 66 1.61 24.53 -32.17
C GLU A 66 2.41 23.27 -31.83
N VAL A 67 1.93 22.49 -30.86
CA VAL A 67 2.61 21.25 -30.51
C VAL A 67 2.54 20.26 -31.67
N ALA A 68 1.35 20.08 -32.24
CA ALA A 68 1.20 19.11 -33.33
C ALA A 68 2.01 19.53 -34.55
N SER A 69 2.03 20.83 -34.87
CA SER A 69 2.82 21.30 -36.01
C SER A 69 4.31 21.11 -35.77
N SER A 70 4.76 21.33 -34.54
CA SER A 70 6.16 21.07 -34.21
C SER A 70 6.50 19.59 -34.41
N ILE A 71 5.58 18.70 -34.03
CA ILE A 71 5.81 17.27 -34.17
C ILE A 71 5.86 16.86 -35.64
N THR A 72 4.91 17.37 -36.42
N THR A 72 4.91 17.37 -36.44
CA THR A 72 4.87 17.05 -37.85
CA THR A 72 4.88 17.03 -37.85
C THR A 72 6.11 17.57 -38.57
C THR A 72 6.11 17.57 -38.58
N SER A 73 6.58 18.76 -38.19
CA SER A 73 7.74 19.35 -38.86
C SER A 73 9.02 18.60 -38.57
N LEU A 74 9.03 17.72 -37.56
CA LEU A 74 10.17 16.88 -37.26
C LEU A 74 10.02 15.46 -37.77
N GLY A 75 9.01 15.19 -38.59
CA GLY A 75 8.83 13.89 -39.20
C GLY A 75 7.87 12.96 -38.47
N GLY A 76 7.25 13.41 -37.37
CA GLY A 76 6.28 12.59 -36.67
C GLY A 76 4.87 12.80 -37.17
N ARG A 77 3.96 11.96 -36.69
CA ARG A 77 2.54 12.01 -37.05
CA ARG A 77 2.54 12.04 -37.06
C ARG A 77 1.75 12.53 -35.86
N ALA A 78 1.02 13.62 -36.06
CA ALA A 78 0.26 14.22 -34.97
C ALA A 78 -0.83 15.11 -35.53
N ILE A 79 -1.96 15.13 -34.83
CA ILE A 79 -3.00 16.13 -35.02
C ILE A 79 -3.28 16.77 -33.68
N ALA A 80 -3.86 17.98 -33.73
CA ALA A 80 -4.37 18.64 -32.55
C ALA A 80 -5.88 18.44 -32.49
N ALA A 81 -6.41 18.27 -31.28
CA ALA A 81 -7.86 18.21 -31.10
C ALA A 81 -8.24 19.08 -29.91
N ALA A 82 -9.10 20.05 -30.14
CA ALA A 82 -9.68 20.80 -29.02
C ALA A 82 -10.59 19.88 -28.24
N VAL A 83 -10.45 19.88 -26.91
CA VAL A 83 -11.35 19.10 -26.07
C VAL A 83 -11.51 19.80 -24.74
N ASP A 84 -12.73 19.77 -24.23
CA ASP A 84 -13.05 20.06 -22.84
C ASP A 84 -13.36 18.70 -22.21
N VAL A 85 -12.41 18.15 -21.44
CA VAL A 85 -12.61 16.79 -20.94
C VAL A 85 -13.78 16.70 -19.98
N SER A 86 -14.29 17.81 -19.47
CA SER A 86 -15.48 17.76 -18.63
C SER A 86 -16.77 17.64 -19.42
N ASP A 87 -16.71 17.77 -20.76
CA ASP A 87 -17.90 17.78 -21.61
C ASP A 87 -17.94 16.48 -22.42
N VAL A 88 -18.98 15.68 -22.19
CA VAL A 88 -19.01 14.33 -22.76
C VAL A 88 -19.01 14.38 -24.30
N GLU A 89 -19.73 15.32 -24.91
CA GLU A 89 -19.73 15.29 -26.37
C GLU A 89 -18.43 15.82 -26.95
N SER A 90 -17.76 16.74 -26.23
CA SER A 90 -16.44 17.17 -26.68
C SER A 90 -15.45 16.01 -26.62
N VAL A 91 -15.53 15.21 -25.56
CA VAL A 91 -14.69 14.03 -25.43
C VAL A 91 -14.99 13.03 -26.54
N ASN A 92 -16.26 12.76 -26.80
CA ASN A 92 -16.62 11.86 -27.90
C ASN A 92 -16.08 12.36 -29.24
N ARG A 93 -16.22 13.67 -29.50
CA ARG A 93 -15.69 14.23 -30.73
C ARG A 93 -14.18 14.07 -30.82
N MET A 94 -13.47 14.19 -29.68
CA MET A 94 -12.03 14.03 -29.68
C MET A 94 -11.65 12.64 -30.15
N VAL A 95 -12.32 11.62 -29.61
CA VAL A 95 -12.03 10.25 -30.02
C VAL A 95 -12.41 10.05 -31.48
N ASP A 96 -13.56 10.57 -31.90
CA ASP A 96 -13.94 10.50 -33.31
C ASP A 96 -12.84 11.07 -34.20
N SER A 97 -12.23 12.18 -33.78
CA SER A 97 -11.17 12.81 -34.58
C SER A 97 -9.95 11.91 -34.65
N ALA A 98 -9.64 11.25 -33.54
CA ALA A 98 -8.51 10.32 -33.51
C ALA A 98 -8.73 9.18 -34.48
N VAL A 99 -9.92 8.58 -34.47
CA VAL A 99 -10.19 7.43 -35.32
C VAL A 99 -10.26 7.85 -36.78
N GLU A 100 -10.84 9.02 -37.07
CA GLU A 100 -10.89 9.52 -38.43
C GLU A 100 -9.48 9.73 -38.99
N ALA A 101 -8.57 10.24 -38.17
CA ALA A 101 -7.20 10.53 -38.63
C ALA A 101 -6.36 9.28 -38.73
N PHE A 102 -6.44 8.39 -37.74
CA PHE A 102 -5.47 7.34 -37.58
C PHE A 102 -6.05 5.94 -37.51
N GLY A 103 -7.37 5.80 -37.57
CA GLY A 103 -8.02 4.51 -37.70
C GLY A 103 -8.41 3.84 -36.40
N THR A 104 -7.83 4.23 -35.28
CA THR A 104 -8.03 3.53 -34.01
C THR A 104 -7.43 4.39 -32.91
N VAL A 105 -7.60 3.94 -31.67
CA VAL A 105 -6.90 4.47 -30.49
C VAL A 105 -6.33 3.28 -29.73
N ASP A 106 -5.01 3.26 -29.59
CA ASP A 106 -4.34 2.23 -28.79
C ASP A 106 -4.06 2.66 -27.36
N ILE A 107 -3.81 3.95 -27.15
CA ILE A 107 -3.27 4.49 -25.91
C ILE A 107 -4.04 5.75 -25.55
N LEU A 108 -4.46 5.87 -24.29
CA LEU A 108 -5.03 7.09 -23.74
C LEU A 108 -4.23 7.49 -22.51
N VAL A 109 -3.70 8.71 -22.49
CA VAL A 109 -3.02 9.26 -21.32
C VAL A 109 -3.90 10.40 -20.83
N ASN A 110 -4.50 10.22 -19.65
CA ASN A 110 -5.41 11.21 -19.05
C ASN A 110 -4.60 12.18 -18.20
N ASN A 111 -3.90 13.07 -18.89
CA ASN A 111 -3.01 14.02 -18.25
C ASN A 111 -3.68 15.35 -17.91
N ALA A 112 -4.79 15.68 -18.57
CA ALA A 112 -5.46 16.96 -18.32
C ALA A 112 -5.86 17.10 -16.85
N ALA A 113 -5.52 18.22 -16.24
CA ALA A 113 -5.90 18.47 -14.86
C ALA A 113 -5.82 19.95 -14.57
N ILE A 114 -6.64 20.38 -13.61
CA ILE A 114 -6.45 21.68 -12.96
C ILE A 114 -5.44 21.49 -11.84
N PHE A 115 -4.31 22.20 -11.92
CA PHE A 115 -3.28 22.10 -10.91
C PHE A 115 -2.40 23.33 -10.91
N SER A 116 -1.77 23.62 -12.05
CA SER A 116 -0.84 24.73 -12.13
C SER A 116 -1.49 26.05 -11.77
N THR A 117 -2.77 26.21 -12.08
CA THR A 117 -3.48 27.46 -11.81
C THR A 117 -4.04 27.55 -10.40
N LEU A 118 -3.86 26.53 -9.56
CA LEU A 118 -4.47 26.58 -8.24
C LEU A 118 -3.77 27.58 -7.32
N LYS A 119 -4.56 28.24 -6.49
CA LYS A 119 -4.05 29.04 -5.38
C LYS A 119 -4.07 28.18 -4.12
N MET A 120 -2.95 28.13 -3.42
CA MET A 120 -2.88 27.35 -2.18
C MET A 120 -3.78 27.97 -1.13
N LYS A 121 -4.63 27.17 -0.50
CA LYS A 121 -5.48 27.71 0.56
C LYS A 121 -5.88 26.58 1.51
N PRO A 122 -6.07 26.88 2.80
CA PRO A 122 -6.58 25.88 3.74
C PRO A 122 -7.92 25.34 3.27
N PHE A 123 -8.20 24.08 3.62
CA PHE A 123 -9.36 23.42 3.02
C PHE A 123 -10.67 24.08 3.43
N GLU A 124 -10.68 24.78 4.57
CA GLU A 124 -11.87 25.51 5.00
C GLU A 124 -12.21 26.63 4.05
N GLU A 125 -11.26 27.06 3.22
CA GLU A 125 -11.48 28.20 2.34
C GLU A 125 -11.85 27.79 0.93
N ILE A 126 -11.92 26.49 0.67
CA ILE A 126 -12.28 25.96 -0.64
C ILE A 126 -13.81 25.90 -0.73
N SER A 127 -14.39 26.70 -1.62
CA SER A 127 -15.83 26.68 -1.79
C SER A 127 -16.26 25.36 -2.43
N GLY A 128 -17.53 25.02 -2.23
CA GLY A 128 -18.08 23.85 -2.91
C GLY A 128 -18.03 23.97 -4.41
N ASP A 129 -18.15 25.21 -4.91
CA ASP A 129 -18.06 25.45 -6.34
C ASP A 129 -16.66 25.16 -6.88
N GLU A 130 -15.63 25.62 -6.16
CA GLU A 130 -14.26 25.35 -6.58
C GLU A 130 -13.97 23.86 -6.53
N TRP A 131 -14.47 23.21 -5.48
CA TRP A 131 -14.37 21.75 -5.39
C TRP A 131 -14.98 21.09 -6.62
N ASP A 132 -16.24 21.43 -6.94
CA ASP A 132 -16.92 20.80 -8.07
C ASP A 132 -16.19 21.08 -9.39
N LYS A 133 -15.76 22.33 -9.60
CA LYS A 133 -15.15 22.68 -10.87
C LYS A 133 -13.87 21.89 -11.09
N LEU A 134 -13.10 21.71 -10.03
CA LEU A 134 -11.86 20.96 -10.17
C LEU A 134 -12.15 19.47 -10.36
N PHE A 135 -13.15 18.93 -9.66
CA PHE A 135 -13.49 17.52 -9.87
C PHE A 135 -14.00 17.27 -11.29
N ALA A 136 -14.70 18.25 -11.86
CA ALA A 136 -15.26 18.06 -13.19
C ALA A 136 -14.17 17.81 -14.22
N VAL A 137 -13.00 18.43 -14.05
CA VAL A 137 -11.90 18.20 -14.98
C VAL A 137 -11.09 16.98 -14.57
N ASN A 138 -10.67 16.95 -13.30
CA ASN A 138 -9.65 15.99 -12.88
C ASN A 138 -10.19 14.57 -12.75
N ALA A 139 -11.40 14.42 -12.20
CA ALA A 139 -11.97 13.11 -11.94
C ALA A 139 -12.97 12.73 -13.02
N LYS A 140 -14.05 13.52 -13.13
CA LYS A 140 -15.03 13.26 -14.16
C LYS A 140 -14.41 13.27 -15.56
N GLY A 141 -13.50 14.21 -15.84
CA GLY A 141 -12.91 14.29 -17.17
C GLY A 141 -12.12 13.05 -17.53
N THR A 142 -11.36 12.52 -16.57
CA THR A 142 -10.66 11.26 -16.81
C THR A 142 -11.67 10.13 -17.05
N PHE A 143 -12.73 10.08 -16.25
CA PHE A 143 -13.79 9.09 -16.44
C PHE A 143 -14.41 9.20 -17.84
N LEU A 144 -14.76 10.41 -18.27
CA LEU A 144 -15.42 10.54 -19.56
C LEU A 144 -14.51 10.08 -20.71
N CYS A 145 -13.22 10.41 -20.64
CA CYS A 145 -12.29 9.99 -21.68
C CYS A 145 -12.17 8.46 -21.72
N CYS A 146 -12.12 7.84 -20.54
CA CYS A 146 -12.08 6.37 -20.49
C CYS A 146 -13.34 5.78 -21.10
N GLN A 147 -14.51 6.39 -20.86
CA GLN A 147 -15.73 5.91 -21.50
C GLN A 147 -15.63 6.03 -23.02
N ALA A 148 -15.04 7.13 -23.51
CA ALA A 148 -15.10 7.39 -24.94
C ALA A 148 -14.16 6.49 -25.72
N VAL A 149 -13.04 6.06 -25.12
CA VAL A 149 -12.16 5.15 -25.82
C VAL A 149 -12.56 3.69 -25.62
N SER A 150 -13.40 3.39 -24.63
CA SER A 150 -13.79 2.00 -24.38
C SER A 150 -14.31 1.26 -25.61
N PRO A 151 -15.25 1.79 -26.42
CA PRO A 151 -15.73 0.99 -27.54
C PRO A 151 -14.65 0.69 -28.58
N VAL A 152 -13.73 1.63 -28.84
CA VAL A 152 -12.71 1.32 -29.84
C VAL A 152 -11.71 0.32 -29.29
N MET A 153 -11.35 0.45 -28.00
CA MET A 153 -10.38 -0.49 -27.44
C MET A 153 -10.99 -1.88 -27.27
N ARG A 154 -12.26 -1.96 -26.89
CA ARG A 154 -12.89 -3.26 -26.78
C ARG A 154 -13.05 -3.92 -28.15
N LYS A 155 -13.43 -3.13 -29.16
CA LYS A 155 -13.55 -3.65 -30.53
C LYS A 155 -12.25 -4.28 -30.99
N ASN A 156 -11.12 -3.66 -30.67
CA ASN A 156 -9.82 -4.17 -31.09
C ASN A 156 -9.18 -5.08 -30.06
N GLN A 157 -9.85 -5.31 -28.92
CA GLN A 157 -9.31 -6.14 -27.85
C GLN A 157 -7.88 -5.73 -27.51
N TYR A 158 -7.67 -4.43 -27.41
CA TYR A 158 -6.35 -3.90 -27.10
C TYR A 158 -6.50 -2.49 -26.56
N GLY A 159 -5.76 -2.20 -25.51
CA GLY A 159 -5.68 -0.82 -25.08
C GLY A 159 -4.72 -0.60 -23.94
N ARG A 160 -4.16 0.60 -23.89
CA ARG A 160 -3.33 1.05 -22.78
C ARG A 160 -3.91 2.35 -22.28
N ILE A 161 -4.45 2.37 -21.07
CA ILE A 161 -4.94 3.59 -20.44
C ILE A 161 -3.99 3.92 -19.30
N ILE A 162 -3.51 5.16 -19.29
CA ILE A 162 -2.64 5.65 -18.23
C ILE A 162 -3.32 6.84 -17.59
N ASN A 163 -3.75 6.67 -16.35
CA ASN A 163 -4.31 7.76 -15.58
C ASN A 163 -3.22 8.39 -14.72
N ILE A 164 -3.43 9.64 -14.33
CA ILE A 164 -2.39 10.40 -13.65
C ILE A 164 -2.89 10.80 -12.27
N SER A 165 -2.19 10.34 -11.24
CA SER A 165 -2.48 10.79 -9.88
CA SER A 165 -2.50 10.83 -9.89
C SER A 165 -1.40 11.79 -9.48
N SER A 166 -0.97 11.75 -8.21
CA SER A 166 0.05 12.67 -7.74
C SER A 166 0.57 12.18 -6.41
N SER A 167 1.85 12.46 -6.16
CA SER A 167 2.45 12.13 -4.87
CA SER A 167 2.44 12.12 -4.87
C SER A 167 1.66 12.72 -3.71
N VAL A 168 1.00 13.87 -3.91
CA VAL A 168 0.31 14.49 -2.79
C VAL A 168 -0.86 13.65 -2.28
N VAL A 169 -1.32 12.67 -3.07
CA VAL A 169 -2.35 11.76 -2.58
C VAL A 169 -1.85 10.95 -1.39
N VAL A 170 -0.61 10.47 -1.48
CA VAL A 170 -0.03 9.68 -0.40
C VAL A 170 0.58 10.55 0.69
N THR A 171 1.14 11.70 0.32
CA THR A 171 1.78 12.54 1.34
C THR A 171 0.82 13.48 2.02
N GLY A 172 -0.34 13.74 1.42
CA GLY A 172 -1.32 14.67 1.99
C GLY A 172 -0.76 16.05 2.27
N ARG A 173 0.01 16.61 1.33
CA ARG A 173 0.57 17.93 1.53
C ARG A 173 -0.55 18.95 1.72
N PRO A 174 -0.30 20.02 2.47
CA PRO A 174 -1.38 20.96 2.80
C PRO A 174 -1.73 21.90 1.66
N ASN A 175 -2.95 22.45 1.76
CA ASN A 175 -3.45 23.62 1.00
C ASN A 175 -3.89 23.28 -0.42
N TYR A 176 -4.16 22.01 -0.71
CA TYR A 176 -4.69 21.58 -2.00
C TYR A 176 -5.66 20.42 -1.82
N ALA A 177 -6.56 20.50 -0.82
CA ALA A 177 -7.30 19.32 -0.41
C ALA A 177 -8.24 18.82 -1.51
N HIS A 178 -8.85 19.72 -2.28
CA HIS A 178 -9.72 19.26 -3.36
C HIS A 178 -8.92 18.60 -4.47
N TYR A 179 -7.75 19.15 -4.80
CA TYR A 179 -6.90 18.50 -5.80
C TYR A 179 -6.52 17.10 -5.36
N ILE A 180 -6.12 16.95 -4.10
CA ILE A 180 -5.73 15.64 -3.57
C ILE A 180 -6.89 14.66 -3.65
N ALA A 181 -8.09 15.11 -3.23
CA ALA A 181 -9.24 14.21 -3.31
C ALA A 181 -9.56 13.83 -4.74
N SER A 182 -9.41 14.76 -5.69
CA SER A 182 -9.74 14.42 -7.07
C SER A 182 -8.79 13.37 -7.62
N LYS A 183 -7.52 13.44 -7.24
CA LYS A 183 -6.55 12.44 -7.69
C LYS A 183 -6.73 11.11 -6.95
N GLY A 184 -7.28 11.16 -5.73
CA GLY A 184 -7.70 9.92 -5.07
C GLY A 184 -8.82 9.24 -5.84
N ALA A 185 -9.75 10.03 -6.38
CA ALA A 185 -10.81 9.46 -7.21
C ALA A 185 -10.23 8.78 -8.44
N VAL A 186 -9.25 9.42 -9.09
CA VAL A 186 -8.61 8.84 -10.28
C VAL A 186 -7.90 7.55 -9.90
N TRP A 187 -7.18 7.58 -8.78
CA TRP A 187 -6.44 6.40 -8.32
C TRP A 187 -7.36 5.20 -8.11
N ALA A 188 -8.53 5.42 -7.50
CA ALA A 188 -9.46 4.32 -7.29
C ALA A 188 -10.14 3.93 -8.59
N LEU A 189 -10.48 4.93 -9.43
CA LEU A 189 -11.12 4.62 -10.71
C LEU A 189 -10.30 3.64 -11.53
N THR A 190 -8.98 3.80 -11.54
CA THR A 190 -8.10 2.87 -12.26
C THR A 190 -8.39 1.43 -11.86
N HIS A 191 -8.62 1.18 -10.57
CA HIS A 191 -8.89 -0.18 -10.12
C HIS A 191 -10.19 -0.71 -10.72
N ALA A 192 -11.25 0.10 -10.68
CA ALA A 192 -12.51 -0.34 -11.25
C ALA A 192 -12.38 -0.62 -12.74
N LEU A 193 -11.68 0.27 -13.46
CA LEU A 193 -11.57 0.14 -14.91
C LEU A 193 -10.65 -1.02 -15.29
N ALA A 194 -9.59 -1.25 -14.53
CA ALA A 194 -8.75 -2.42 -14.81
C ALA A 194 -9.58 -3.71 -14.77
N THR A 195 -10.46 -3.84 -13.77
CA THR A 195 -11.33 -5.00 -13.71
C THR A 195 -12.27 -5.04 -14.91
N GLU A 196 -12.98 -3.93 -15.16
CA GLU A 196 -14.03 -4.00 -16.17
C GLU A 196 -13.48 -4.10 -17.59
N MET A 197 -12.34 -3.48 -17.85
CA MET A 197 -11.80 -3.45 -19.21
C MET A 197 -10.83 -4.58 -19.47
N GLY A 198 -10.32 -5.23 -18.40
CA GLY A 198 -9.38 -6.31 -18.59
C GLY A 198 -9.97 -7.53 -19.27
N THR A 199 -11.30 -7.66 -19.25
CA THR A 199 -11.98 -8.73 -19.98
C THR A 199 -11.66 -8.70 -21.47
N ASP A 200 -11.27 -7.54 -22.00
CA ASP A 200 -10.89 -7.41 -23.39
C ASP A 200 -9.40 -7.16 -23.55
N GLY A 201 -8.62 -7.48 -22.52
CA GLY A 201 -7.17 -7.36 -22.55
C GLY A 201 -6.64 -5.97 -22.31
N ILE A 202 -7.51 -4.98 -22.15
CA ILE A 202 -7.11 -3.59 -21.98
C ILE A 202 -6.52 -3.40 -20.60
N THR A 203 -5.38 -2.72 -20.50
CA THR A 203 -4.77 -2.43 -19.21
C THR A 203 -5.05 -0.99 -18.81
N VAL A 204 -5.11 -0.77 -17.50
CA VAL A 204 -5.39 0.55 -16.94
C VAL A 204 -4.47 0.73 -15.75
N ASN A 205 -3.59 1.73 -15.80
CA ASN A 205 -2.63 1.94 -14.73
C ASN A 205 -2.57 3.42 -14.41
N THR A 206 -1.98 3.73 -13.26
CA THR A 206 -1.87 5.09 -12.74
C THR A 206 -0.40 5.42 -12.55
N VAL A 207 0.01 6.61 -13.01
CA VAL A 207 1.34 7.13 -12.73
C VAL A 207 1.17 8.25 -11.72
N SER A 208 2.00 8.24 -10.69
CA SER A 208 1.94 9.24 -9.62
CA SER A 208 1.94 9.24 -9.62
C SER A 208 3.25 10.02 -9.62
N PRO A 209 3.33 11.13 -10.34
CA PRO A 209 4.55 11.94 -10.34
C PRO A 209 4.71 12.76 -9.07
N HIS A 210 5.98 13.05 -8.78
CA HIS A 210 6.35 14.00 -7.72
C HIS A 210 7.46 14.93 -8.21
N GLY A 211 7.31 16.21 -7.91
CA GLY A 211 8.41 17.15 -7.99
C GLY A 211 8.98 17.43 -9.37
N ILE A 212 8.14 17.41 -10.41
CA ILE A 212 8.61 17.54 -11.78
C ILE A 212 8.49 18.99 -12.18
N ILE A 213 9.63 19.61 -12.47
CA ILE A 213 9.66 21.01 -12.90
C ILE A 213 9.53 21.06 -14.41
N THR A 214 8.64 21.90 -14.91
CA THR A 214 8.49 22.08 -16.35
C THR A 214 8.62 23.58 -16.64
N GLU A 215 8.20 24.00 -17.83
CA GLU A 215 8.23 25.40 -18.21
C GLU A 215 7.08 26.20 -17.59
N ILE A 216 6.13 25.53 -16.94
CA ILE A 216 4.92 26.17 -16.43
C ILE A 216 5.14 26.47 -14.94
N PRO A 217 5.20 27.74 -14.53
CA PRO A 217 5.35 28.04 -13.11
C PRO A 217 4.08 27.74 -12.32
N ARG A 218 4.27 27.31 -11.07
CA ARG A 218 3.16 26.88 -10.22
C ARG A 218 3.45 27.24 -8.77
N GLU A 219 2.38 27.34 -7.99
CA GLU A 219 2.45 27.60 -6.55
C GLU A 219 2.43 26.31 -5.73
N THR A 220 2.70 25.16 -6.36
CA THR A 220 2.50 23.88 -5.69
C THR A 220 3.45 23.69 -4.51
N ILE A 221 4.75 23.83 -4.75
CA ILE A 221 5.77 23.56 -3.73
C ILE A 221 6.51 24.87 -3.44
N SER A 222 6.55 25.23 -2.16
CA SER A 222 7.24 26.43 -1.72
C SER A 222 8.71 26.13 -1.44
N GLU A 223 9.44 27.15 -0.95
CA GLU A 223 10.84 26.96 -0.59
C GLU A 223 10.96 26.01 0.60
N GLU A 224 10.17 26.23 1.65
CA GLU A 224 10.13 25.29 2.76
C GLU A 224 9.56 23.94 2.35
N GLY A 225 8.73 23.91 1.29
CA GLY A 225 8.22 22.64 0.81
C GLY A 225 9.29 21.82 0.09
N TRP A 226 10.16 22.49 -0.66
CA TRP A 226 11.25 21.77 -1.33
C TRP A 226 12.31 21.34 -0.32
N ARG A 227 12.59 22.18 0.67
CA ARG A 227 13.50 21.78 1.74
C ARG A 227 13.04 20.49 2.40
N ARG A 228 11.74 20.38 2.68
CA ARG A 228 11.21 19.15 3.29
CA ARG A 228 11.20 19.15 3.28
C ARG A 228 11.26 17.98 2.31
N ASN A 229 10.88 18.21 1.05
CA ASN A 229 10.91 17.12 0.07
C ASN A 229 12.31 16.56 -0.11
N LEU A 230 13.32 17.42 -0.20
CA LEU A 230 14.68 16.91 -0.44
C LEU A 230 15.18 16.12 0.75
N GLU A 231 14.84 16.54 1.97
CA GLU A 231 15.21 15.78 3.14
C GLU A 231 14.53 14.41 3.15
N GLU A 232 13.29 14.34 2.68
CA GLU A 232 12.54 13.10 2.70
C GLU A 232 12.89 12.19 1.52
N GLN A 233 13.34 12.76 0.40
CA GLN A 233 13.67 11.94 -0.76
C GLN A 233 14.95 11.14 -0.54
N ALA A 234 15.01 9.97 -1.17
CA ALA A 234 16.25 9.18 -1.20
C ALA A 234 17.24 9.74 -2.21
N LEU A 235 16.74 10.23 -3.34
CA LEU A 235 17.57 10.92 -4.33
C LEU A 235 17.37 12.42 -4.13
N LYS A 236 18.46 13.12 -3.78
CA LYS A 236 18.38 14.50 -3.31
C LYS A 236 18.41 15.48 -4.49
N ARG A 237 17.35 15.46 -5.28
CA ARG A 237 17.29 16.40 -6.39
C ARG A 237 15.85 16.61 -6.83
N LYS A 238 15.63 17.71 -7.54
CA LYS A 238 14.32 17.94 -8.15
C LYS A 238 14.18 17.11 -9.42
N GLY A 239 12.94 16.96 -9.86
CA GLY A 239 12.63 16.19 -11.05
C GLY A 239 12.42 17.08 -12.27
N ASP A 240 12.45 16.44 -13.44
CA ASP A 240 12.07 17.09 -14.67
C ASP A 240 11.36 16.07 -15.54
N ALA A 241 10.87 16.53 -16.70
CA ALA A 241 10.02 15.68 -17.53
C ALA A 241 10.72 14.40 -17.94
N SER A 242 12.05 14.45 -18.14
CA SER A 242 12.77 13.25 -18.56
C SER A 242 12.69 12.16 -17.51
N ASP A 243 12.39 12.51 -16.27
CA ASP A 243 12.23 11.51 -15.21
C ASP A 243 10.94 10.71 -15.34
N LEU A 244 9.98 11.16 -16.15
CA LEU A 244 8.68 10.50 -16.30
C LEU A 244 8.53 9.78 -17.63
N VAL A 245 9.25 10.20 -18.67
CA VAL A 245 8.93 9.73 -20.01
C VAL A 245 9.13 8.23 -20.09
N GLY A 246 10.16 7.70 -19.41
CA GLY A 246 10.45 6.29 -19.50
C GLY A 246 9.31 5.41 -19.00
N ILE A 247 8.72 5.74 -17.85
CA ILE A 247 7.66 4.88 -17.34
C ILE A 247 6.42 4.99 -18.21
N LEU A 248 6.15 6.20 -18.74
CA LEU A 248 5.04 6.35 -19.68
C LEU A 248 5.25 5.52 -20.94
N LEU A 249 6.48 5.49 -21.47
CA LEU A 249 6.74 4.66 -22.64
C LEU A 249 6.53 3.18 -22.32
N TYR A 250 6.99 2.74 -21.15
CA TYR A 250 6.75 1.36 -20.78
C TYR A 250 5.25 1.07 -20.69
N LEU A 251 4.51 1.91 -19.96
CA LEU A 251 3.09 1.63 -19.76
C LEU A 251 2.29 1.73 -21.05
N ALA A 252 2.67 2.61 -21.97
CA ALA A 252 1.98 2.74 -23.25
C ALA A 252 2.35 1.66 -24.25
N SER A 253 3.41 0.91 -24.00
CA SER A 253 3.94 -0.01 -24.99
C SER A 253 3.34 -1.40 -24.86
N ASP A 254 3.51 -2.20 -25.92
CA ASP A 254 2.99 -3.56 -25.92
C ASP A 254 3.52 -4.36 -24.75
N GLU A 255 4.76 -4.07 -24.32
CA GLU A 255 5.51 -4.87 -23.34
CA GLU A 255 5.45 -4.93 -23.37
C GLU A 255 4.95 -4.79 -21.93
N SER A 256 4.06 -3.84 -21.64
CA SER A 256 3.45 -3.75 -20.31
C SER A 256 2.16 -4.57 -20.23
N LYS A 257 1.98 -5.51 -21.16
CA LYS A 257 0.73 -6.23 -21.36
C LYS A 257 0.23 -6.97 -20.12
N PHE A 258 1.12 -7.34 -19.20
CA PHE A 258 0.75 -8.09 -18.00
C PHE A 258 0.50 -7.19 -16.80
N MET A 259 0.73 -5.89 -16.92
CA MET A 259 0.60 -4.99 -15.79
C MET A 259 -0.70 -4.21 -15.90
N THR A 260 -1.55 -4.35 -14.90
CA THR A 260 -2.78 -3.56 -14.90
C THR A 260 -3.24 -3.34 -13.46
N GLY A 261 -3.88 -2.19 -13.25
CA GLY A 261 -4.46 -1.87 -11.95
C GLY A 261 -3.41 -1.40 -10.97
N GLN A 262 -2.24 -1.01 -11.46
CA GLN A 262 -1.13 -0.62 -10.58
C GLN A 262 -0.97 0.89 -10.57
N THR A 263 -0.40 1.38 -9.48
CA THR A 263 0.03 2.77 -9.36
C THR A 263 1.54 2.80 -9.27
N VAL A 264 2.18 3.57 -10.14
CA VAL A 264 3.65 3.62 -10.18
C VAL A 264 4.05 5.03 -9.78
N ALA A 265 4.79 5.14 -8.68
CA ALA A 265 5.19 6.43 -8.15
C ALA A 265 6.59 6.76 -8.66
N LEU A 266 6.73 7.95 -9.24
CA LEU A 266 8.00 8.49 -9.72
C LEU A 266 8.30 9.68 -8.82
N ASP A 267 9.09 9.44 -7.77
CA ASP A 267 9.13 10.42 -6.69
C ASP A 267 10.49 10.50 -6.02
N ALA A 268 11.55 9.97 -6.66
CA ALA A 268 12.90 10.04 -6.10
C ALA A 268 12.96 9.41 -4.71
N GLY A 269 12.07 8.45 -4.45
CA GLY A 269 12.00 7.85 -3.13
C GLY A 269 11.45 8.74 -2.05
N LEU A 270 10.69 9.78 -2.42
CA LEU A 270 9.97 10.54 -1.41
C LEU A 270 9.17 9.61 -0.48
N ARG A 271 8.47 8.65 -1.07
CA ARG A 271 7.83 7.58 -0.33
C ARG A 271 8.33 6.27 -0.90
N PHE A 272 8.14 5.20 -0.12
CA PHE A 272 8.52 3.87 -0.55
C PHE A 272 7.29 2.98 -0.64
N THR A 273 7.35 1.98 -1.54
CA THR A 273 6.25 1.04 -1.68
C THR A 273 6.76 -0.39 -1.71
N VAL B 23 19.30 -1.70 -28.03
CA VAL B 23 20.41 -1.13 -27.31
C VAL B 23 19.97 -0.41 -26.03
N ARG B 24 18.89 -0.90 -25.40
CA ARG B 24 18.37 -0.28 -24.19
C ARG B 24 19.43 -0.23 -23.09
N LEU B 25 20.38 -1.18 -23.08
CA LEU B 25 21.38 -1.30 -22.03
C LEU B 25 22.80 -1.19 -22.57
N ALA B 26 22.97 -0.45 -23.66
CA ALA B 26 24.28 -0.32 -24.28
C ALA B 26 25.31 0.22 -23.30
N ASN B 27 26.50 -0.39 -23.31
CA ASN B 27 27.63 0.04 -22.50
C ASN B 27 27.33 -0.03 -21.00
N ARG B 28 26.50 -0.98 -20.58
CA ARG B 28 26.22 -1.24 -19.17
C ARG B 28 26.56 -2.67 -18.83
N VAL B 29 26.88 -2.91 -17.57
CA VAL B 29 27.31 -4.22 -17.08
C VAL B 29 26.33 -4.66 -16.02
N ALA B 30 25.78 -5.87 -16.19
CA ALA B 30 24.74 -6.38 -15.31
C ALA B 30 25.15 -7.72 -14.73
N ILE B 31 25.06 -7.85 -13.42
CA ILE B 31 25.12 -9.14 -12.74
C ILE B 31 23.70 -9.61 -12.50
N ILE B 32 23.40 -10.83 -12.92
CA ILE B 32 22.11 -11.47 -12.66
C ILE B 32 22.38 -12.75 -11.91
N THR B 33 21.91 -12.84 -10.67
CA THR B 33 22.08 -14.09 -9.92
C THR B 33 20.92 -15.05 -10.22
N GLY B 34 21.17 -16.33 -10.01
CA GLY B 34 20.20 -17.34 -10.41
C GLY B 34 19.91 -17.37 -11.90
N ALA B 35 20.88 -17.04 -12.74
CA ALA B 35 20.63 -16.83 -14.16
C ALA B 35 20.90 -18.07 -15.00
N ALA B 36 21.16 -19.21 -14.37
CA ALA B 36 21.44 -20.39 -15.19
C ALA B 36 20.18 -21.07 -15.71
N GLN B 37 19.00 -20.69 -15.23
CA GLN B 37 17.77 -21.29 -15.71
C GLN B 37 16.61 -20.36 -15.36
N GLY B 38 15.43 -20.72 -15.85
CA GLY B 38 14.20 -20.02 -15.53
C GLY B 38 14.20 -18.57 -15.97
N ILE B 39 13.56 -17.74 -15.15
CA ILE B 39 13.39 -16.32 -15.45
CA ILE B 39 13.39 -16.34 -15.52
C ILE B 39 14.75 -15.62 -15.56
N GLY B 40 15.68 -15.97 -14.66
CA GLY B 40 16.96 -15.30 -14.65
C GLY B 40 17.74 -15.52 -15.93
N ARG B 41 17.65 -16.73 -16.50
CA ARG B 41 18.27 -16.98 -17.79
C ARG B 41 17.67 -16.07 -18.87
N ILE B 42 16.36 -15.87 -18.82
CA ILE B 42 15.72 -14.98 -19.78
C ILE B 42 16.17 -13.54 -19.56
N TYR B 43 16.27 -13.11 -18.30
CA TYR B 43 16.82 -11.78 -18.03
C TYR B 43 18.19 -11.63 -18.66
N ALA B 44 19.07 -12.63 -18.46
CA ALA B 44 20.43 -12.54 -19.00
C ALA B 44 20.41 -12.47 -20.52
N GLU B 45 19.64 -13.35 -21.16
CA GLU B 45 19.59 -13.37 -22.62
C GLU B 45 19.04 -12.06 -23.16
N ARG B 46 18.00 -11.53 -22.54
CA ARG B 46 17.39 -10.31 -23.05
C ARG B 46 18.26 -9.09 -22.76
N PHE B 47 18.88 -9.04 -21.57
CA PHE B 47 19.78 -7.94 -21.26
C PHE B 47 20.94 -7.90 -22.25
N ALA B 48 21.52 -9.07 -22.55
CA ALA B 48 22.63 -9.12 -23.49
C ALA B 48 22.18 -8.70 -24.89
N GLU B 49 20.96 -9.07 -25.29
CA GLU B 49 20.44 -8.62 -26.58
C GLU B 49 20.34 -7.10 -26.64
N GLU B 50 20.03 -6.47 -25.51
CA GLU B 50 19.97 -5.02 -25.41
C GLU B 50 21.33 -4.39 -25.14
N GLY B 51 22.42 -5.12 -25.34
CA GLY B 51 23.74 -4.53 -25.31
C GLY B 51 24.45 -4.59 -23.98
N ALA B 52 23.83 -5.15 -22.94
CA ALA B 52 24.51 -5.26 -21.66
C ALA B 52 25.56 -6.35 -21.71
N ALA B 53 26.68 -6.10 -21.05
CA ALA B 53 27.63 -7.17 -20.72
C ALA B 53 27.10 -7.86 -19.47
N VAL B 54 26.82 -9.16 -19.56
CA VAL B 54 26.08 -9.85 -18.52
C VAL B 54 27.00 -10.83 -17.80
N VAL B 55 26.92 -10.83 -16.48
CA VAL B 55 27.54 -11.87 -15.66
C VAL B 55 26.44 -12.83 -15.27
N VAL B 56 26.49 -14.04 -15.84
CA VAL B 56 25.53 -15.10 -15.58
C VAL B 56 25.97 -15.80 -14.30
N ALA B 57 25.41 -15.41 -13.16
CA ALA B 57 25.85 -15.90 -11.86
C ALA B 57 24.88 -16.95 -11.33
N ASP B 58 25.42 -18.09 -10.90
CA ASP B 58 24.55 -19.15 -10.42
C ASP B 58 25.37 -20.16 -9.63
N ILE B 59 24.66 -20.99 -8.87
CA ILE B 59 25.34 -22.03 -8.11
C ILE B 59 25.81 -23.16 -9.04
N ASN B 60 25.22 -23.32 -10.22
CA ASN B 60 25.68 -24.29 -11.20
CA ASN B 60 25.69 -24.30 -11.21
C ASN B 60 26.63 -23.58 -12.16
N GLU B 61 27.94 -23.73 -11.93
CA GLU B 61 28.89 -23.04 -12.80
C GLU B 61 28.88 -23.57 -14.23
N PRO B 62 28.93 -24.90 -14.47
CA PRO B 62 28.88 -25.36 -15.88
C PRO B 62 27.61 -24.94 -16.61
N LYS B 63 26.45 -24.97 -15.94
CA LYS B 63 25.20 -24.61 -16.60
C LYS B 63 25.12 -23.11 -16.85
N ALA B 64 25.60 -22.30 -15.90
CA ALA B 64 25.75 -20.88 -16.16
C ALA B 64 26.70 -20.63 -17.31
N THR B 65 27.77 -21.42 -17.40
CA THR B 65 28.67 -21.36 -18.55
C THR B 65 27.94 -21.66 -19.85
N GLU B 66 26.95 -22.57 -19.78
CA GLU B 66 26.16 -22.89 -20.96
C GLU B 66 25.32 -21.69 -21.42
N VAL B 67 24.71 -20.98 -20.49
CA VAL B 67 23.95 -19.78 -20.85
C VAL B 67 24.88 -18.72 -21.42
N ALA B 68 26.04 -18.52 -20.77
CA ALA B 68 26.94 -17.48 -21.23
C ALA B 68 27.50 -17.79 -22.61
N SER B 69 27.83 -19.07 -22.86
CA SER B 69 28.32 -19.47 -24.18
C SER B 69 27.26 -19.26 -25.25
N SER B 70 25.99 -19.55 -24.93
CA SER B 70 24.93 -19.31 -25.90
C SER B 70 24.79 -17.83 -26.21
N ILE B 71 24.91 -16.98 -25.19
CA ILE B 71 24.81 -15.54 -25.39
C ILE B 71 25.94 -15.04 -26.27
N THR B 72 27.16 -15.52 -26.03
CA THR B 72 28.29 -15.08 -26.84
CA THR B 72 28.30 -15.09 -26.83
C THR B 72 28.20 -15.60 -28.27
N SER B 73 27.65 -16.81 -28.46
CA SER B 73 27.50 -17.35 -29.80
CA SER B 73 27.50 -17.34 -29.80
C SER B 73 26.46 -16.60 -30.62
N LEU B 74 25.62 -15.78 -29.98
CA LEU B 74 24.63 -14.97 -30.67
C LEU B 74 25.09 -13.53 -30.85
N GLY B 75 26.31 -13.19 -30.42
CA GLY B 75 26.84 -11.86 -30.55
C GLY B 75 26.86 -11.04 -29.28
N GLY B 76 26.43 -11.61 -28.15
CA GLY B 76 26.40 -10.86 -26.91
C GLY B 76 27.68 -10.99 -26.09
N ARG B 77 27.81 -10.10 -25.11
CA ARG B 77 28.92 -10.12 -24.16
C ARG B 77 28.44 -10.75 -22.87
N ALA B 78 29.11 -11.82 -22.45
CA ALA B 78 28.67 -12.52 -21.26
C ALA B 78 29.79 -13.39 -20.71
N ILE B 79 29.90 -13.45 -19.39
CA ILE B 79 30.70 -14.45 -18.71
C ILE B 79 29.79 -15.19 -17.74
N ALA B 80 30.25 -16.35 -17.28
CA ALA B 80 29.58 -17.05 -16.21
C ALA B 80 30.38 -16.87 -14.93
N ALA B 81 29.69 -16.91 -13.80
CA ALA B 81 30.35 -16.85 -12.50
C ALA B 81 29.65 -17.80 -11.55
N ALA B 82 30.41 -18.73 -10.96
CA ALA B 82 29.87 -19.55 -9.89
C ALA B 82 29.68 -18.68 -8.66
N VAL B 83 28.51 -18.81 -8.03
CA VAL B 83 28.28 -18.08 -6.78
C VAL B 83 27.31 -18.88 -5.92
N ASP B 84 27.62 -18.93 -4.63
CA ASP B 84 26.67 -19.27 -3.57
C ASP B 84 26.36 -17.96 -2.87
N VAL B 85 25.19 -17.38 -3.17
CA VAL B 85 24.87 -16.05 -2.65
C VAL B 85 24.77 -16.04 -1.13
N SER B 86 24.67 -17.21 -0.48
CA SER B 86 24.67 -17.24 0.97
C SER B 86 26.08 -17.11 1.55
N ASP B 87 27.11 -17.19 0.71
CA ASP B 87 28.51 -17.25 1.12
C ASP B 87 29.17 -15.93 0.74
N VAL B 88 29.54 -15.14 1.76
CA VAL B 88 30.02 -13.78 1.52
C VAL B 88 31.29 -13.79 0.66
N GLU B 89 32.18 -14.77 0.89
CA GLU B 89 33.40 -14.83 0.09
C GLU B 89 33.09 -15.16 -1.36
N SER B 90 32.17 -16.09 -1.59
CA SER B 90 31.74 -16.43 -2.95
C SER B 90 31.14 -15.22 -3.64
N VAL B 91 30.31 -14.46 -2.92
CA VAL B 91 29.69 -13.27 -3.50
C VAL B 91 30.76 -12.25 -3.87
N ASN B 92 31.72 -12.02 -2.97
CA ASN B 92 32.78 -11.05 -3.24
C ASN B 92 33.60 -11.43 -4.47
N ARG B 93 33.92 -12.72 -4.62
CA ARG B 93 34.63 -13.17 -5.82
C ARG B 93 33.81 -13.00 -7.10
N MET B 94 32.48 -13.12 -7.00
CA MET B 94 31.61 -12.90 -8.16
C MET B 94 31.72 -11.47 -8.65
N VAL B 95 31.62 -10.51 -7.72
CA VAL B 95 31.73 -9.10 -8.10
C VAL B 95 33.14 -8.79 -8.60
N ASP B 96 34.16 -9.33 -7.93
CA ASP B 96 35.52 -9.17 -8.45
C ASP B 96 35.63 -9.67 -9.88
N SER B 97 35.01 -10.82 -10.18
CA SER B 97 35.08 -11.37 -11.53
C SER B 97 34.41 -10.45 -12.55
N ALA B 98 33.28 -9.87 -12.16
CA ALA B 98 32.57 -8.94 -13.04
C ALA B 98 33.45 -7.74 -13.36
N VAL B 99 34.03 -7.13 -12.34
CA VAL B 99 34.90 -5.96 -12.52
C VAL B 99 36.13 -6.32 -13.33
N GLU B 100 36.71 -7.50 -13.06
CA GLU B 100 37.86 -7.95 -13.84
C GLU B 100 37.51 -8.10 -15.32
N ALA B 101 36.34 -8.67 -15.61
CA ALA B 101 35.96 -8.90 -17.00
C ALA B 101 35.52 -7.63 -17.71
N PHE B 102 34.71 -6.81 -17.05
CA PHE B 102 33.99 -5.74 -17.72
C PHE B 102 34.26 -4.36 -17.13
N GLY B 103 35.05 -4.26 -16.07
CA GLY B 103 35.54 -2.99 -15.59
C GLY B 103 34.69 -2.34 -14.51
N THR B 104 33.44 -2.75 -14.38
CA THR B 104 32.49 -2.11 -13.47
C THR B 104 31.28 -3.00 -13.34
N VAL B 105 30.36 -2.61 -12.46
CA VAL B 105 29.02 -3.18 -12.41
C VAL B 105 28.04 -2.02 -12.36
N ASP B 106 27.15 -1.98 -13.34
CA ASP B 106 26.09 -0.97 -13.39
C ASP B 106 24.79 -1.43 -12.78
N ILE B 107 24.51 -2.73 -12.91
CA ILE B 107 23.19 -3.30 -12.64
C ILE B 107 23.38 -4.58 -11.86
N LEU B 108 22.62 -4.76 -10.78
CA LEU B 108 22.55 -6.04 -10.05
C LEU B 108 21.10 -6.47 -9.99
N VAL B 109 20.82 -7.68 -10.48
CA VAL B 109 19.49 -8.28 -10.35
C VAL B 109 19.63 -9.46 -9.40
N ASN B 110 19.01 -9.34 -8.22
CA ASN B 110 19.06 -10.37 -7.18
C ASN B 110 17.91 -11.34 -7.40
N ASN B 111 18.09 -12.22 -8.37
CA ASN B 111 17.07 -13.15 -8.79
C ASN B 111 17.20 -14.52 -8.13
N ALA B 112 18.39 -14.87 -7.65
CA ALA B 112 18.61 -16.16 -7.00
C ALA B 112 17.66 -16.34 -5.82
N ALA B 113 17.00 -17.49 -5.78
CA ALA B 113 16.12 -17.81 -4.66
C ALA B 113 15.87 -19.30 -4.64
N ILE B 114 15.56 -19.80 -3.44
CA ILE B 114 14.95 -21.11 -3.26
C ILE B 114 13.45 -20.93 -3.46
N PHE B 115 12.89 -21.57 -4.47
CA PHE B 115 11.51 -21.33 -4.87
C PHE B 115 10.95 -22.52 -5.64
N SER B 116 11.47 -22.79 -6.84
CA SER B 116 10.92 -23.88 -7.64
C SER B 116 11.10 -25.23 -6.97
N THR B 117 12.13 -25.39 -6.13
CA THR B 117 12.38 -26.65 -5.45
C THR B 117 11.55 -26.84 -4.18
N LEU B 118 10.82 -25.82 -3.74
CA LEU B 118 10.14 -25.90 -2.45
C LEU B 118 9.04 -26.95 -2.45
N LYS B 119 8.97 -27.71 -1.36
CA LYS B 119 7.82 -28.54 -1.06
C LYS B 119 6.83 -27.73 -0.23
N MET B 120 5.58 -27.72 -0.64
CA MET B 120 4.55 -26.97 0.07
C MET B 120 4.17 -27.71 1.35
N LYS B 121 4.00 -26.96 2.44
CA LYS B 121 3.67 -27.57 3.72
C LYS B 121 3.06 -26.51 4.63
N PRO B 122 2.17 -26.89 5.54
CA PRO B 122 1.68 -25.94 6.54
C PRO B 122 2.84 -25.45 7.39
N PHE B 123 2.70 -24.23 7.92
CA PHE B 123 3.86 -23.57 8.52
C PHE B 123 4.32 -24.30 9.78
N GLU B 124 3.42 -25.03 10.45
CA GLU B 124 3.82 -25.79 11.64
C GLU B 124 4.80 -26.89 11.30
N GLU B 125 4.89 -27.29 10.04
CA GLU B 125 5.75 -28.39 9.62
C GLU B 125 7.09 -27.94 9.07
N ILE B 126 7.31 -26.63 9.00
CA ILE B 126 8.58 -26.07 8.57
C ILE B 126 9.55 -26.09 9.76
N SER B 127 10.66 -26.80 9.60
CA SER B 127 11.63 -26.84 10.69
C SER B 127 12.41 -25.54 10.74
N GLY B 128 13.02 -25.27 11.90
CA GLY B 128 13.88 -24.10 12.00
C GLY B 128 15.06 -24.15 11.05
N ASP B 129 15.56 -25.35 10.74
CA ASP B 129 16.66 -25.44 9.78
C ASP B 129 16.17 -25.15 8.36
N GLU B 130 14.95 -25.58 8.03
CA GLU B 130 14.37 -25.23 6.73
C GLU B 130 14.21 -23.73 6.60
N TRP B 131 13.67 -23.12 7.66
CA TRP B 131 13.53 -21.67 7.72
C TRP B 131 14.89 -21.00 7.52
N ASP B 132 15.90 -21.42 8.28
CA ASP B 132 17.20 -20.75 8.19
C ASP B 132 17.82 -20.92 6.80
N LYS B 133 17.73 -22.13 6.23
CA LYS B 133 18.37 -22.36 4.93
C LYS B 133 17.71 -21.52 3.85
N LEU B 134 16.39 -21.31 3.94
CA LEU B 134 15.73 -20.51 2.94
C LEU B 134 16.06 -19.03 3.09
N PHE B 135 16.13 -18.54 4.34
CA PHE B 135 16.53 -17.15 4.57
C PHE B 135 17.98 -16.89 4.16
N ALA B 136 18.85 -17.89 4.32
CA ALA B 136 20.25 -17.71 3.97
C ALA B 136 20.41 -17.37 2.49
N VAL B 137 19.59 -17.99 1.65
CA VAL B 137 19.67 -17.72 0.21
C VAL B 137 18.86 -16.48 -0.16
N ASN B 138 17.59 -16.46 0.26
CA ASN B 138 16.65 -15.50 -0.30
C ASN B 138 16.86 -14.11 0.26
N ALA B 139 17.08 -14.00 1.57
CA ALA B 139 17.18 -12.71 2.23
C ALA B 139 18.65 -12.33 2.44
N LYS B 140 19.38 -13.14 3.19
CA LYS B 140 20.80 -12.85 3.42
C LYS B 140 21.56 -12.80 2.11
N GLY B 141 21.22 -13.69 1.17
CA GLY B 141 21.95 -13.73 -0.10
C GLY B 141 21.78 -12.45 -0.89
N THR B 142 20.57 -11.92 -0.93
CA THR B 142 20.33 -10.64 -1.57
C THR B 142 21.10 -9.52 -0.87
N PHE B 143 21.10 -9.54 0.47
CA PHE B 143 21.84 -8.57 1.26
C PHE B 143 23.33 -8.60 0.92
N LEU B 144 23.93 -9.79 0.91
CA LEU B 144 25.36 -9.89 0.68
C LEU B 144 25.75 -9.40 -0.71
N CYS B 145 24.90 -9.69 -1.72
CA CYS B 145 25.19 -9.21 -3.07
C CYS B 145 25.13 -7.69 -3.14
N CYS B 146 24.16 -7.08 -2.45
CA CYS B 146 24.08 -5.63 -2.44
C CYS B 146 25.29 -5.02 -1.74
N GLN B 147 25.76 -5.63 -0.64
CA GLN B 147 26.98 -5.14 -0.01
C GLN B 147 28.16 -5.21 -0.98
N ALA B 148 28.23 -6.28 -1.78
CA ALA B 148 29.42 -6.51 -2.59
C ALA B 148 29.50 -5.55 -3.77
N VAL B 149 28.34 -5.14 -4.32
CA VAL B 149 28.37 -4.18 -5.42
C VAL B 149 28.39 -2.74 -4.94
N SER B 150 28.15 -2.48 -3.64
CA SER B 150 28.12 -1.11 -3.15
C SER B 150 29.41 -0.35 -3.42
N PRO B 151 30.61 -0.86 -3.12
CA PRO B 151 31.80 -0.03 -3.38
C PRO B 151 31.95 0.37 -4.85
N VAL B 152 31.65 -0.52 -5.79
CA VAL B 152 31.88 -0.14 -7.19
C VAL B 152 30.81 0.83 -7.66
N MET B 153 29.57 0.63 -7.21
CA MET B 153 28.51 1.56 -7.60
C MET B 153 28.71 2.93 -6.95
N ARG B 154 29.16 2.97 -5.70
CA ARG B 154 29.41 4.28 -5.10
C ARG B 154 30.58 4.97 -5.76
N LYS B 155 31.66 4.22 -6.05
CA LYS B 155 32.80 4.78 -6.76
C LYS B 155 32.38 5.45 -8.06
N ASN B 156 31.49 4.81 -8.81
CA ASN B 156 31.08 5.33 -10.11
C ASN B 156 29.87 6.24 -10.00
N GLN B 157 29.33 6.45 -8.80
CA GLN B 157 28.14 7.27 -8.58
C GLN B 157 27.02 6.89 -9.53
N TYR B 158 26.81 5.58 -9.66
CA TYR B 158 25.77 5.06 -10.55
C TYR B 158 25.47 3.61 -10.17
N GLY B 159 24.20 3.28 -10.14
CA GLY B 159 23.82 1.89 -9.97
C GLY B 159 22.33 1.65 -10.10
N ARG B 160 21.96 0.45 -10.57
CA ARG B 160 20.59 -0.02 -10.61
C ARG B 160 20.58 -1.36 -9.89
N ILE B 161 19.91 -1.44 -8.74
CA ILE B 161 19.74 -2.71 -8.03
C ILE B 161 18.27 -3.08 -8.10
N ILE B 162 18.00 -4.29 -8.59
CA ILE B 162 16.64 -4.80 -8.68
C ILE B 162 16.57 -6.03 -7.79
N ASN B 163 15.81 -5.94 -6.73
CA ASN B 163 15.52 -7.08 -5.86
C ASN B 163 14.20 -7.73 -6.29
N ILE B 164 14.06 -9.01 -5.96
CA ILE B 164 12.91 -9.77 -6.43
C ILE B 164 12.11 -10.24 -5.22
N SER B 165 10.85 -9.81 -5.16
CA SER B 165 9.94 -10.33 -4.15
CA SER B 165 9.96 -10.35 -4.14
C SER B 165 8.99 -11.31 -4.81
N SER B 166 7.72 -11.30 -4.41
CA SER B 166 6.77 -12.26 -4.96
C SER B 166 5.37 -11.78 -4.60
N SER B 167 4.41 -12.08 -5.48
CA SER B 167 3.02 -11.73 -5.19
CA SER B 167 3.02 -11.75 -5.20
C SER B 167 2.54 -12.36 -3.89
N VAL B 168 3.09 -13.52 -3.51
CA VAL B 168 2.59 -14.18 -2.31
C VAL B 168 2.91 -13.38 -1.05
N VAL B 169 3.80 -12.39 -1.13
CA VAL B 169 4.02 -11.54 0.03
C VAL B 169 2.75 -10.77 0.36
N VAL B 170 2.08 -10.24 -0.66
CA VAL B 170 0.84 -9.50 -0.44
C VAL B 170 -0.37 -10.42 -0.34
N THR B 171 -0.40 -11.53 -1.09
CA THR B 171 -1.59 -12.37 -1.04
C THR B 171 -1.57 -13.38 0.10
N GLY B 172 -0.39 -13.68 0.63
CA GLY B 172 -0.30 -14.63 1.75
C GLY B 172 -0.81 -16.02 1.42
N ARG B 173 -0.54 -16.51 0.22
CA ARG B 173 -1.00 -17.84 -0.17
C ARG B 173 -0.45 -18.88 0.81
N PRO B 174 -1.16 -19.97 1.02
CA PRO B 174 -0.77 -20.93 2.06
C PRO B 174 0.38 -21.83 1.61
N ASN B 175 1.05 -22.39 2.62
CA ASN B 175 1.97 -23.53 2.50
C ASN B 175 3.36 -23.14 2.04
N TYR B 176 3.72 -21.86 2.15
CA TYR B 176 5.05 -21.39 1.81
C TYR B 176 5.49 -20.30 2.79
N ALA B 177 5.18 -20.46 4.08
CA ALA B 177 5.29 -19.31 4.99
C ALA B 177 6.72 -18.79 5.12
N HIS B 178 7.71 -19.70 5.09
CA HIS B 178 9.09 -19.24 5.19
C HIS B 178 9.53 -18.50 3.93
N TYR B 179 9.10 -18.98 2.76
CA TYR B 179 9.39 -18.28 1.52
C TYR B 179 8.78 -16.89 1.54
N ILE B 180 7.53 -16.78 1.99
CA ILE B 180 6.84 -15.48 2.05
C ILE B 180 7.59 -14.53 2.98
N ALA B 181 7.96 -15.02 4.17
CA ALA B 181 8.70 -14.18 5.11
C ALA B 181 10.03 -13.74 4.53
N SER B 182 10.73 -14.64 3.82
CA SER B 182 12.02 -14.25 3.28
C SER B 182 11.88 -13.17 2.21
N LYS B 183 10.79 -13.21 1.44
CA LYS B 183 10.60 -12.19 0.41
C LYS B 183 10.09 -10.89 1.02
N GLY B 184 9.42 -10.97 2.16
CA GLY B 184 9.11 -9.76 2.90
C GLY B 184 10.36 -9.07 3.42
N ALA B 185 11.36 -9.85 3.83
CA ALA B 185 12.65 -9.28 4.22
C ALA B 185 13.30 -8.54 3.04
N VAL B 186 13.25 -9.13 1.85
CA VAL B 186 13.81 -8.47 0.66
C VAL B 186 13.06 -7.19 0.37
N TRP B 187 11.73 -7.26 0.43
CA TRP B 187 10.89 -6.09 0.18
C TRP B 187 11.26 -4.93 1.12
N ALA B 188 11.45 -5.20 2.41
CA ALA B 188 11.79 -4.11 3.32
C ALA B 188 13.23 -3.66 3.12
N LEU B 189 14.14 -4.61 2.87
CA LEU B 189 15.54 -4.29 2.66
C LEU B 189 15.69 -3.25 1.55
N THR B 190 14.93 -3.40 0.47
CA THR B 190 14.98 -2.42 -0.62
C THR B 190 14.79 -1.00 -0.11
N HIS B 191 13.91 -0.80 0.88
CA HIS B 191 13.68 0.56 1.40
C HIS B 191 14.91 1.09 2.13
N ALA B 192 15.50 0.26 2.99
CA ALA B 192 16.72 0.69 3.69
C ALA B 192 17.83 1.01 2.69
N LEU B 193 18.02 0.17 1.68
CA LEU B 193 19.09 0.37 0.71
C LEU B 193 18.81 1.56 -0.20
N ALA B 194 17.56 1.81 -0.55
CA ALA B 194 17.25 2.99 -1.36
C ALA B 194 17.72 4.25 -0.64
N THR B 195 17.44 4.35 0.66
CA THR B 195 17.90 5.49 1.44
C THR B 195 19.42 5.54 1.47
N GLU B 196 20.07 4.43 1.84
CA GLU B 196 21.50 4.50 2.11
C GLU B 196 22.32 4.64 0.84
N MET B 197 21.87 4.06 -0.27
CA MET B 197 22.66 4.13 -1.50
C MET B 197 22.26 5.30 -2.38
N GLY B 198 21.09 5.88 -2.15
CA GLY B 198 20.65 7.01 -2.97
C GLY B 198 21.52 8.24 -2.82
N THR B 199 22.30 8.33 -1.74
CA THR B 199 23.24 9.42 -1.57
C THR B 199 24.23 9.49 -2.73
N ASP B 200 24.51 8.35 -3.37
CA ASP B 200 25.41 8.29 -4.51
C ASP B 200 24.65 8.06 -5.82
N GLY B 201 23.34 8.35 -5.85
CA GLY B 201 22.56 8.25 -7.06
C GLY B 201 22.05 6.86 -7.38
N ILE B 202 22.46 5.84 -6.63
CA ILE B 202 22.10 4.46 -6.89
C ILE B 202 20.65 4.23 -6.55
N THR B 203 19.91 3.57 -7.45
CA THR B 203 18.51 3.25 -7.20
C THR B 203 18.38 1.80 -6.81
N VAL B 204 17.36 1.52 -6.00
CA VAL B 204 17.11 0.16 -5.50
C VAL B 204 15.61 -0.04 -5.53
N ASN B 205 15.14 -1.02 -6.30
CA ASN B 205 13.70 -1.25 -6.47
C ASN B 205 13.46 -2.74 -6.39
N THR B 206 12.19 -3.10 -6.18
CA THR B 206 11.74 -4.48 -6.03
C THR B 206 10.74 -4.78 -7.14
N VAL B 207 10.90 -5.93 -7.79
CA VAL B 207 9.91 -6.44 -8.72
C VAL B 207 9.22 -7.62 -8.07
N SER B 208 7.89 -7.63 -8.09
CA SER B 208 7.10 -8.70 -7.47
CA SER B 208 7.08 -8.68 -7.47
C SER B 208 6.34 -9.45 -8.56
N PRO B 209 6.89 -10.56 -9.05
CA PRO B 209 6.20 -11.33 -10.08
C PRO B 209 5.06 -12.18 -9.51
N HIS B 210 4.15 -12.53 -10.40
CA HIS B 210 3.08 -13.48 -10.12
C HIS B 210 2.83 -14.33 -11.35
N GLY B 211 2.62 -15.62 -11.12
CA GLY B 211 2.03 -16.47 -12.14
C GLY B 211 2.83 -16.67 -13.41
N ILE B 212 4.16 -16.59 -13.31
CA ILE B 212 5.02 -16.69 -14.49
C ILE B 212 5.42 -18.15 -14.68
N ILE B 213 4.98 -18.75 -15.78
CA ILE B 213 5.32 -20.12 -16.10
C ILE B 213 6.64 -20.13 -16.86
N THR B 214 7.55 -21.01 -16.46
CA THR B 214 8.87 -21.16 -17.07
C THR B 214 9.03 -22.60 -17.53
N GLU B 215 10.22 -22.93 -18.01
CA GLU B 215 10.52 -24.31 -18.40
C GLU B 215 10.74 -25.21 -17.20
N ILE B 216 10.74 -24.66 -15.99
CA ILE B 216 10.99 -25.40 -14.76
C ILE B 216 9.65 -25.67 -14.09
N PRO B 217 9.26 -26.93 -13.89
CA PRO B 217 8.00 -27.21 -13.19
C PRO B 217 8.11 -26.89 -11.71
N ARG B 218 6.96 -26.55 -11.13
CA ARG B 218 6.91 -26.24 -9.70
C ARG B 218 5.50 -26.48 -9.18
N GLU B 219 5.42 -26.83 -7.90
CA GLU B 219 4.16 -27.10 -7.22
C GLU B 219 3.64 -25.91 -6.43
N THR B 220 4.05 -24.70 -6.80
CA THR B 220 3.66 -23.51 -6.04
C THR B 220 2.16 -23.23 -6.18
N ILE B 221 1.60 -23.46 -7.36
CA ILE B 221 0.19 -23.17 -7.63
C ILE B 221 -0.49 -24.44 -8.13
N SER B 222 -1.57 -24.83 -7.47
CA SER B 222 -2.35 -26.00 -7.87
C SER B 222 -3.39 -25.60 -8.91
N GLU B 223 -4.12 -26.60 -9.44
CA GLU B 223 -5.19 -26.33 -10.38
C GLU B 223 -6.29 -25.51 -9.72
N GLU B 224 -6.70 -25.88 -8.51
CA GLU B 224 -7.63 -25.05 -7.75
C GLU B 224 -7.02 -23.70 -7.42
N GLY B 225 -5.70 -23.63 -7.25
CA GLY B 225 -5.05 -22.36 -7.03
C GLY B 225 -5.08 -21.47 -8.26
N TRP B 226 -4.96 -22.06 -9.45
CA TRP B 226 -5.02 -21.26 -10.67
C TRP B 226 -6.44 -20.79 -10.94
N ARG B 227 -7.43 -21.63 -10.64
CA ARG B 227 -8.81 -21.17 -10.74
C ARG B 227 -9.06 -19.96 -9.86
N ARG B 228 -8.53 -19.98 -8.64
CA ARG B 228 -8.67 -18.82 -7.75
C ARG B 228 -7.95 -17.60 -8.32
N ASN B 229 -6.71 -17.79 -8.77
CA ASN B 229 -5.93 -16.69 -9.33
C ASN B 229 -6.62 -16.08 -10.54
N LEU B 230 -7.11 -16.92 -11.45
CA LEU B 230 -7.74 -16.39 -12.65
C LEU B 230 -9.02 -15.64 -12.32
N GLU B 231 -9.76 -16.10 -11.31
CA GLU B 231 -10.94 -15.36 -10.87
CA GLU B 231 -10.94 -15.37 -10.86
C GLU B 231 -10.56 -14.00 -10.32
N GLU B 232 -9.47 -13.92 -9.56
CA GLU B 232 -9.08 -12.66 -8.93
C GLU B 232 -8.34 -11.73 -9.89
N GLN B 233 -7.72 -12.27 -10.92
CA GLN B 233 -6.96 -11.43 -11.85
C GLN B 233 -7.89 -10.63 -12.74
N ALA B 234 -7.45 -9.43 -13.09
CA ALA B 234 -8.16 -8.61 -14.08
C ALA B 234 -7.92 -9.12 -15.49
N LEU B 235 -6.71 -9.61 -15.77
CA LEU B 235 -6.37 -10.23 -17.05
C LEU B 235 -6.37 -11.75 -16.87
N LYS B 236 -7.27 -12.42 -17.59
CA LYS B 236 -7.58 -13.84 -17.36
C LYS B 236 -6.63 -14.75 -18.13
N ARG B 237 -5.36 -14.73 -17.73
CA ARG B 237 -4.40 -15.63 -18.37
C ARG B 237 -3.22 -15.85 -17.43
N LYS B 238 -2.50 -16.95 -17.69
CA LYS B 238 -1.24 -17.14 -17.00
C LYS B 238 -0.15 -16.28 -17.64
N GLY B 239 0.93 -16.08 -16.89
CA GLY B 239 2.04 -15.29 -17.36
C GLY B 239 3.20 -16.13 -17.88
N ASP B 240 4.12 -15.44 -18.54
CA ASP B 240 5.36 -16.05 -19.00
C ASP B 240 6.48 -15.02 -18.87
N ALA B 241 7.69 -15.42 -19.25
CA ALA B 241 8.85 -14.57 -19.01
C ALA B 241 8.75 -13.23 -19.75
N SER B 242 8.15 -13.23 -20.94
CA SER B 242 8.01 -11.98 -21.69
C SER B 242 7.18 -10.97 -20.95
N ASP B 243 6.37 -11.41 -19.98
CA ASP B 243 5.55 -10.49 -19.20
C ASP B 243 6.37 -9.69 -18.20
N LEU B 244 7.60 -10.12 -17.91
CA LEU B 244 8.48 -9.51 -16.93
C LEU B 244 9.66 -8.76 -17.53
N VAL B 245 10.11 -9.13 -18.72
CA VAL B 245 11.36 -8.57 -19.24
C VAL B 245 11.25 -7.05 -19.36
N GLY B 246 10.08 -6.55 -19.78
CA GLY B 246 9.95 -5.13 -20.04
C GLY B 246 10.20 -4.27 -18.82
N ILE B 247 9.64 -4.65 -17.67
CA ILE B 247 9.85 -3.85 -16.47
C ILE B 247 11.30 -3.99 -15.98
N LEU B 248 11.91 -5.17 -16.15
CA LEU B 248 13.31 -5.31 -15.78
C LEU B 248 14.20 -4.42 -16.65
N LEU B 249 13.91 -4.34 -17.95
CA LEU B 249 14.66 -3.45 -18.82
C LEU B 249 14.50 -1.99 -18.40
N TYR B 250 13.27 -1.58 -18.09
CA TYR B 250 13.06 -0.22 -17.59
C TYR B 250 13.88 0.02 -16.33
N LEU B 251 13.73 -0.85 -15.33
CA LEU B 251 14.41 -0.61 -14.05
C LEU B 251 15.93 -0.67 -14.19
N ALA B 252 16.45 -1.52 -15.07
CA ALA B 252 17.89 -1.60 -15.25
C ALA B 252 18.47 -0.48 -16.09
N SER B 253 17.63 0.29 -16.78
CA SER B 253 18.08 1.26 -17.77
C SER B 253 18.29 2.64 -17.13
N ASP B 254 19.01 3.48 -17.87
CA ASP B 254 19.31 4.82 -17.39
C ASP B 254 18.05 5.60 -17.07
N GLU B 255 16.97 5.32 -17.80
CA GLU B 255 15.76 6.12 -17.79
CA GLU B 255 15.80 6.20 -17.75
C GLU B 255 14.91 5.95 -16.53
N SER B 256 15.21 4.94 -15.69
CA SER B 256 14.52 4.79 -14.42
C SER B 256 15.20 5.57 -13.30
N LYS B 257 16.03 6.54 -13.66
CA LYS B 257 16.89 7.27 -12.73
C LYS B 257 16.15 7.92 -11.56
N PHE B 258 14.88 8.31 -11.75
CA PHE B 258 14.12 8.99 -10.71
C PHE B 258 13.33 8.04 -9.83
N MET B 259 13.32 6.75 -10.14
CA MET B 259 12.51 5.77 -9.42
C MET B 259 13.39 4.99 -8.47
N THR B 260 13.08 5.07 -7.18
CA THR B 260 13.84 4.27 -6.22
C THR B 260 12.95 3.94 -5.02
N GLY B 261 13.23 2.79 -4.40
CA GLY B 261 12.48 2.37 -3.24
C GLY B 261 11.06 1.93 -3.52
N GLN B 262 10.76 1.55 -4.76
CA GLN B 262 9.42 1.16 -5.14
C GLN B 262 9.35 -0.35 -5.34
N THR B 263 8.14 -0.88 -5.19
CA THR B 263 7.84 -2.27 -5.50
C THR B 263 6.86 -2.28 -6.67
N VAL B 264 7.22 -2.96 -7.75
CA VAL B 264 6.40 -3.02 -8.95
C VAL B 264 5.87 -4.44 -9.10
N ALA B 265 4.55 -4.60 -9.02
CA ALA B 265 3.93 -5.92 -9.13
C ALA B 265 3.52 -6.18 -10.57
N LEU B 266 3.96 -7.33 -11.10
CA LEU B 266 3.63 -7.80 -12.44
C LEU B 266 2.73 -9.01 -12.23
N ASP B 267 1.41 -8.77 -12.21
CA ASP B 267 0.53 -9.79 -11.67
C ASP B 267 -0.82 -9.89 -12.37
N ALA B 268 -0.95 -9.32 -13.57
CA ALA B 268 -2.21 -9.38 -14.33
C ALA B 268 -3.38 -8.81 -13.54
N GLY B 269 -3.09 -7.92 -12.60
CA GLY B 269 -4.14 -7.36 -11.78
C GLY B 269 -4.66 -8.28 -10.70
N LEU B 270 -3.90 -9.32 -10.33
CA LEU B 270 -4.27 -10.14 -9.18
C LEU B 270 -4.57 -9.27 -7.97
N ARG B 271 -3.71 -8.29 -7.71
CA ARG B 271 -3.95 -7.28 -6.70
C ARG B 271 -3.81 -5.93 -7.37
N PHE B 272 -4.34 -4.89 -6.73
CA PHE B 272 -4.23 -3.53 -7.24
C PHE B 272 -3.47 -2.66 -6.25
N THR B 273 -2.84 -1.61 -6.77
CA THR B 273 -2.04 -0.71 -5.93
C THR B 273 -2.34 0.73 -6.31
N VAL C 23 -18.32 3.34 29.09
CA VAL C 23 -18.25 4.80 29.04
C VAL C 23 -17.03 5.29 28.27
N ARG C 24 -16.66 4.57 27.21
CA ARG C 24 -15.46 4.93 26.46
C ARG C 24 -15.58 6.28 25.77
N LEU C 25 -16.80 6.80 25.60
CA LEU C 25 -17.01 8.10 24.97
C LEU C 25 -17.72 9.06 25.92
N ALA C 26 -17.48 8.91 27.23
CA ALA C 26 -18.13 9.76 28.22
C ALA C 26 -17.75 11.21 28.04
N ASN C 27 -18.74 12.10 28.13
CA ASN C 27 -18.52 13.54 28.01
C ASN C 27 -17.94 13.90 26.64
N ARG C 28 -18.36 13.17 25.62
CA ARG C 28 -18.01 13.49 24.24
C ARG C 28 -19.29 13.64 23.42
N VAL C 29 -19.21 14.47 22.37
CA VAL C 29 -20.32 14.75 21.47
C VAL C 29 -19.96 14.24 20.09
N ALA C 30 -20.85 13.45 19.48
CA ALA C 30 -20.56 12.83 18.19
C ALA C 30 -21.68 13.10 17.21
N ILE C 31 -21.31 13.63 16.03
CA ILE C 31 -22.22 13.73 14.90
C ILE C 31 -22.00 12.50 14.03
N ILE C 32 -23.08 11.81 13.69
CA ILE C 32 -23.03 10.70 12.72
C ILE C 32 -24.00 11.02 11.59
N THR C 33 -23.48 11.12 10.36
CA THR C 33 -24.35 11.37 9.22
C THR C 33 -24.87 10.05 8.67
N GLY C 34 -25.99 10.14 7.95
CA GLY C 34 -26.69 8.96 7.48
C GLY C 34 -27.10 8.01 8.59
N ALA C 35 -27.47 8.54 9.75
CA ALA C 35 -27.62 7.70 10.93
C ALA C 35 -29.05 7.28 11.21
N ALA C 36 -29.99 7.53 10.29
CA ALA C 36 -31.36 7.12 10.59
C ALA C 36 -31.63 5.66 10.33
N GLN C 37 -30.71 4.95 9.68
CA GLN C 37 -30.94 3.55 9.36
C GLN C 37 -29.60 2.87 9.09
N GLY C 38 -29.65 1.54 9.06
CA GLY C 38 -28.47 0.77 8.68
C GLY C 38 -27.35 0.87 9.70
N ILE C 39 -26.11 0.80 9.21
CA ILE C 39 -24.96 0.79 10.10
C ILE C 39 -24.81 2.14 10.82
N GLY C 40 -25.20 3.23 10.18
CA GLY C 40 -25.11 4.53 10.83
C GLY C 40 -25.96 4.61 12.08
N ARG C 41 -27.15 4.01 12.05
CA ARG C 41 -27.98 3.97 13.25
C ARG C 41 -27.30 3.15 14.34
N ILE C 42 -26.66 2.04 13.96
CA ILE C 42 -25.98 1.23 14.96
C ILE C 42 -24.83 2.01 15.59
N TYR C 43 -24.06 2.74 14.77
CA TYR C 43 -23.02 3.62 15.32
C TYR C 43 -23.63 4.57 16.34
N ALA C 44 -24.73 5.22 15.98
CA ALA C 44 -25.38 6.16 16.88
C ALA C 44 -25.79 5.48 18.18
N GLU C 45 -26.44 4.31 18.08
CA GLU C 45 -26.92 3.62 19.26
C GLU C 45 -25.76 3.14 20.14
N ARG C 46 -24.69 2.66 19.53
CA ARG C 46 -23.56 2.14 20.31
C ARG C 46 -22.71 3.27 20.88
N PHE C 47 -22.53 4.36 20.15
CA PHE C 47 -21.83 5.51 20.71
C PHE C 47 -22.58 6.07 21.92
N ALA C 48 -23.91 6.15 21.84
CA ALA C 48 -24.68 6.64 22.97
C ALA C 48 -24.59 5.72 24.17
N GLU C 49 -24.55 4.40 23.94
CA GLU C 49 -24.37 3.46 25.05
C GLU C 49 -23.03 3.67 25.75
N GLU C 50 -22.02 4.12 25.02
CA GLU C 50 -20.70 4.39 25.58
C GLU C 50 -20.56 5.82 26.09
N GLY C 51 -21.66 6.53 26.28
CA GLY C 51 -21.63 7.82 26.94
C GLY C 51 -21.59 9.04 26.03
N ALA C 52 -21.52 8.86 24.72
CA ALA C 52 -21.50 10.02 23.83
C ALA C 52 -22.88 10.65 23.75
N ALA C 53 -22.91 11.98 23.66
CA ALA C 53 -24.09 12.69 23.19
C ALA C 53 -24.07 12.65 21.67
N VAL C 54 -25.13 12.09 21.06
CA VAL C 54 -25.10 11.74 19.65
C VAL C 54 -26.06 12.66 18.89
N VAL C 55 -25.58 13.21 17.78
CA VAL C 55 -26.42 13.93 16.83
C VAL C 55 -26.72 12.96 15.69
N VAL C 56 -27.95 12.49 15.63
CA VAL C 56 -28.41 11.58 14.58
C VAL C 56 -28.76 12.43 13.37
N ALA C 57 -27.82 12.56 12.43
CA ALA C 57 -28.00 13.42 11.26
C ALA C 57 -28.38 12.56 10.06
N ASP C 58 -29.43 12.98 9.36
CA ASP C 58 -29.92 12.20 8.23
C ASP C 58 -30.84 13.09 7.39
N ILE C 59 -30.95 12.75 6.10
CA ILE C 59 -31.87 13.46 5.21
C ILE C 59 -33.31 13.28 5.66
N ASN C 60 -33.61 12.17 6.34
CA ASN C 60 -34.97 11.86 6.81
C ASN C 60 -35.07 12.32 8.27
N GLU C 61 -35.57 13.53 8.49
CA GLU C 61 -35.70 14.03 9.86
C GLU C 61 -36.67 13.22 10.70
N PRO C 62 -37.86 12.81 10.23
CA PRO C 62 -38.72 11.98 11.10
C PRO C 62 -38.08 10.66 11.50
N LYS C 63 -37.39 9.99 10.58
CA LYS C 63 -36.76 8.72 10.93
C LYS C 63 -35.58 8.94 11.87
N ALA C 64 -34.82 10.01 11.66
CA ALA C 64 -33.73 10.34 12.59
C ALA C 64 -34.28 10.67 13.97
N THR C 65 -35.40 11.39 14.03
CA THR C 65 -35.99 11.69 15.33
C THR C 65 -36.42 10.42 16.05
N GLU C 66 -36.92 9.43 15.29
CA GLU C 66 -37.27 8.15 15.90
C GLU C 66 -36.05 7.50 16.54
N VAL C 67 -34.93 7.48 15.81
CA VAL C 67 -33.70 6.90 16.34
C VAL C 67 -33.26 7.65 17.59
N ALA C 68 -33.28 8.98 17.54
CA ALA C 68 -32.91 9.78 18.70
C ALA C 68 -33.83 9.48 19.88
N SER C 69 -35.13 9.35 19.63
CA SER C 69 -36.07 9.05 20.71
C SER C 69 -35.80 7.67 21.30
N SER C 70 -35.48 6.69 20.46
CA SER C 70 -35.16 5.35 20.94
C SER C 70 -33.95 5.39 21.86
N ILE C 71 -32.92 6.14 21.46
CA ILE C 71 -31.71 6.25 22.26
C ILE C 71 -32.02 6.90 23.61
N THR C 72 -32.77 8.01 23.59
CA THR C 72 -33.05 8.74 24.83
C THR C 72 -33.90 7.91 25.78
N SER C 73 -34.92 7.22 25.27
CA SER C 73 -35.77 6.42 26.13
C SER C 73 -35.02 5.23 26.72
N LEU C 74 -33.86 4.89 26.18
CA LEU C 74 -32.99 3.87 26.75
C LEU C 74 -31.92 4.45 27.65
N GLY C 75 -31.93 5.75 27.90
CA GLY C 75 -31.01 6.38 28.84
C GLY C 75 -29.87 7.16 28.22
N GLY C 76 -29.78 7.21 26.89
CA GLY C 76 -28.72 7.97 26.24
C GLY C 76 -29.13 9.41 26.01
N ARG C 77 -28.18 10.19 25.50
CA ARG C 77 -28.42 11.58 25.09
C ARG C 77 -28.29 11.66 23.58
N ALA C 78 -29.35 12.11 22.91
CA ALA C 78 -29.35 12.21 21.47
C ALA C 78 -30.33 13.27 21.01
N ILE C 79 -29.96 13.96 19.93
CA ILE C 79 -30.89 14.81 19.19
C ILE C 79 -30.86 14.34 17.74
N ALA C 80 -31.90 14.70 17.01
CA ALA C 80 -31.91 14.48 15.57
C ALA C 80 -31.63 15.81 14.87
N ALA C 81 -30.96 15.71 13.73
CA ALA C 81 -30.76 16.86 12.87
C ALA C 81 -31.00 16.43 11.43
N ALA C 82 -31.88 17.14 10.72
CA ALA C 82 -32.00 16.93 9.29
C ALA C 82 -30.76 17.51 8.62
N VAL C 83 -30.16 16.76 7.69
CA VAL C 83 -29.04 17.31 6.94
C VAL C 83 -29.05 16.75 5.53
N ASP C 84 -28.75 17.63 4.58
CA ASP C 84 -28.37 17.25 3.22
C ASP C 84 -26.87 17.51 3.13
N VAL C 85 -26.06 16.46 3.23
CA VAL C 85 -24.62 16.68 3.34
C VAL C 85 -24.04 17.31 2.09
N SER C 86 -24.77 17.29 0.97
CA SER C 86 -24.29 17.95 -0.24
C SER C 86 -24.56 19.46 -0.22
N ASP C 87 -25.29 19.96 0.78
CA ASP C 87 -25.73 21.36 0.88
C ASP C 87 -24.98 22.03 2.02
N VAL C 88 -24.11 22.99 1.69
CA VAL C 88 -23.23 23.59 2.69
C VAL C 88 -24.06 24.28 3.79
N GLU C 89 -25.17 24.93 3.43
CA GLU C 89 -25.94 25.61 4.46
C GLU C 89 -26.65 24.61 5.37
N SER C 90 -27.10 23.50 4.81
CA SER C 90 -27.71 22.45 5.63
C SER C 90 -26.68 21.84 6.58
N VAL C 91 -25.46 21.63 6.08
CA VAL C 91 -24.38 21.08 6.88
C VAL C 91 -24.01 22.04 8.01
N ASN C 92 -23.90 23.34 7.70
CA ASN C 92 -23.61 24.32 8.74
C ASN C 92 -24.70 24.33 9.81
N ARG C 93 -25.97 24.24 9.40
CA ARG C 93 -27.06 24.21 10.37
C ARG C 93 -26.99 22.97 11.25
N MET C 94 -26.50 21.85 10.72
CA MET C 94 -26.39 20.64 11.53
C MET C 94 -25.38 20.83 12.64
N VAL C 95 -24.24 21.46 12.33
CA VAL C 95 -23.21 21.67 13.34
C VAL C 95 -23.67 22.70 14.36
N ASP C 96 -24.33 23.78 13.92
CA ASP C 96 -24.94 24.71 14.87
C ASP C 96 -25.87 24.00 15.82
N SER C 97 -26.73 23.11 15.30
CA SER C 97 -27.66 22.37 16.17
C SER C 97 -26.91 21.54 17.19
N ALA C 98 -25.80 20.93 16.78
CA ALA C 98 -24.99 20.13 17.69
C ALA C 98 -24.39 20.98 18.79
N VAL C 99 -23.80 22.12 18.41
CA VAL C 99 -23.14 22.98 19.40
C VAL C 99 -24.18 23.63 20.30
N GLU C 100 -25.31 24.03 19.73
CA GLU C 100 -26.36 24.64 20.54
C GLU C 100 -26.92 23.64 21.55
N ALA C 101 -27.00 22.37 21.17
CA ALA C 101 -27.57 21.36 22.05
C ALA C 101 -26.57 20.87 23.08
N PHE C 102 -25.32 20.61 22.68
CA PHE C 102 -24.36 19.93 23.52
C PHE C 102 -23.10 20.73 23.81
N GLY C 103 -22.90 21.90 23.19
CA GLY C 103 -21.82 22.78 23.55
C GLY C 103 -20.55 22.63 22.74
N THR C 104 -20.36 21.50 22.06
CA THR C 104 -19.14 21.24 21.30
C THR C 104 -19.43 20.11 20.31
N VAL C 105 -18.46 19.82 19.46
CA VAL C 105 -18.42 18.59 18.66
C VAL C 105 -17.05 17.95 18.85
N ASP C 106 -17.02 16.71 19.33
CA ASP C 106 -15.76 16.00 19.50
C ASP C 106 -15.47 15.04 18.36
N ILE C 107 -16.51 14.45 17.78
CA ILE C 107 -16.40 13.32 16.87
C ILE C 107 -17.33 13.57 15.70
N LEU C 108 -16.84 13.31 14.49
CA LEU C 108 -17.67 13.32 13.29
C LEU C 108 -17.46 12.01 12.55
N VAL C 109 -18.55 11.29 12.29
CA VAL C 109 -18.51 10.08 11.47
C VAL C 109 -19.24 10.38 10.17
N ASN C 110 -18.48 10.41 9.07
CA ASN C 110 -19.05 10.73 7.76
C ASN C 110 -19.54 9.45 7.10
N ASN C 111 -20.67 8.95 7.62
CA ASN C 111 -21.23 7.68 7.17
C ASN C 111 -22.22 7.84 6.02
N ALA C 112 -22.77 9.05 5.81
CA ALA C 112 -23.71 9.24 4.71
C ALA C 112 -23.08 8.89 3.38
N ALA C 113 -23.80 8.07 2.60
CA ALA C 113 -23.30 7.69 1.28
C ALA C 113 -24.43 7.09 0.47
N ILE C 114 -24.36 7.30 -0.84
CA ILE C 114 -25.19 6.57 -1.79
C ILE C 114 -24.49 5.25 -2.09
N PHE C 115 -25.15 4.13 -1.78
CA PHE C 115 -24.66 2.81 -2.17
C PHE C 115 -25.79 1.81 -2.34
N SER C 116 -26.69 1.72 -1.35
CA SER C 116 -27.74 0.71 -1.37
C SER C 116 -28.64 0.87 -2.58
N THR C 117 -28.97 2.11 -2.94
CA THR C 117 -29.89 2.33 -4.06
C THR C 117 -29.24 2.05 -5.41
N LEU C 118 -27.91 1.94 -5.46
CA LEU C 118 -27.23 1.81 -6.73
C LEU C 118 -27.59 0.50 -7.42
N LYS C 119 -27.79 0.56 -8.73
CA LYS C 119 -27.90 -0.62 -9.57
C LYS C 119 -26.55 -0.89 -10.24
N MET C 120 -26.18 -2.17 -10.27
CA MET C 120 -24.97 -2.57 -10.99
C MET C 120 -25.06 -2.15 -12.45
N LYS C 121 -24.05 -1.43 -12.94
CA LYS C 121 -23.98 -1.18 -14.37
CA LYS C 121 -23.98 -1.11 -14.37
C LYS C 121 -22.53 -1.02 -14.80
N PRO C 122 -22.18 -1.51 -15.99
CA PRO C 122 -20.84 -1.28 -16.51
C PRO C 122 -20.57 0.21 -16.60
N PHE C 123 -19.29 0.57 -16.48
CA PHE C 123 -18.96 1.99 -16.29
C PHE C 123 -19.35 2.82 -17.51
N GLU C 124 -19.38 2.22 -18.70
CA GLU C 124 -19.80 2.93 -19.90
C GLU C 124 -21.23 3.43 -19.82
N GLU C 125 -22.05 2.83 -18.96
CA GLU C 125 -23.47 3.19 -18.89
C GLU C 125 -23.77 4.21 -17.80
N ILE C 126 -22.78 4.60 -17.02
CA ILE C 126 -22.94 5.62 -15.99
C ILE C 126 -22.87 6.98 -16.65
N SER C 127 -23.95 7.75 -16.54
CA SER C 127 -23.98 9.09 -17.11
C SER C 127 -23.13 10.04 -16.27
N GLY C 128 -22.74 11.14 -16.89
CA GLY C 128 -22.05 12.18 -16.13
C GLY C 128 -22.90 12.72 -14.98
N ASP C 129 -24.21 12.81 -15.20
CA ASP C 129 -25.09 13.31 -14.15
C ASP C 129 -25.17 12.34 -13.00
N GLU C 130 -25.23 11.04 -13.30
CA GLU C 130 -25.22 10.01 -12.25
C GLU C 130 -23.93 10.04 -11.45
N TRP C 131 -22.80 10.14 -12.14
CA TRP C 131 -21.51 10.36 -11.50
C TRP C 131 -21.56 11.57 -10.57
N ASP C 132 -22.01 12.71 -11.08
CA ASP C 132 -22.00 13.93 -10.27
C ASP C 132 -22.89 13.80 -9.04
N LYS C 133 -24.06 13.20 -9.20
CA LYS C 133 -24.99 13.12 -8.08
C LYS C 133 -24.43 12.23 -6.97
N LEU C 134 -23.74 11.16 -7.34
CA LEU C 134 -23.14 10.30 -6.33
C LEU C 134 -21.95 11.00 -5.65
N PHE C 135 -21.11 11.69 -6.43
CA PHE C 135 -19.98 12.41 -5.84
C PHE C 135 -20.44 13.53 -4.91
N ALA C 136 -21.58 14.17 -5.22
CA ALA C 136 -22.06 15.28 -4.41
C ALA C 136 -22.33 14.83 -2.97
N VAL C 137 -22.83 13.62 -2.78
CA VAL C 137 -23.07 13.09 -1.44
C VAL C 137 -21.83 12.44 -0.85
N ASN C 138 -21.21 11.55 -1.63
CA ASN C 138 -20.18 10.68 -1.05
C ASN C 138 -18.88 11.44 -0.80
N ALA C 139 -18.47 12.27 -1.75
CA ALA C 139 -17.18 12.94 -1.68
C ALA C 139 -17.33 14.37 -1.17
N LYS C 140 -18.10 15.20 -1.89
CA LYS C 140 -18.30 16.59 -1.45
C LYS C 140 -18.97 16.62 -0.09
N GLY C 141 -19.94 15.72 0.15
CA GLY C 141 -20.64 15.72 1.42
C GLY C 141 -19.72 15.49 2.61
N THR C 142 -18.79 14.54 2.48
CA THR C 142 -17.80 14.34 3.53
C THR C 142 -16.93 15.59 3.70
N PHE C 143 -16.53 16.20 2.59
CA PHE C 143 -15.70 17.40 2.63
C PHE C 143 -16.41 18.54 3.35
N LEU C 144 -17.69 18.77 3.01
CA LEU C 144 -18.42 19.88 3.62
C LEU C 144 -18.60 19.68 5.13
N CYS C 145 -18.84 18.45 5.56
CA CYS C 145 -19.00 18.19 6.99
C CYS C 145 -17.70 18.40 7.74
N CYS C 146 -16.58 17.99 7.16
CA CYS C 146 -15.28 18.24 7.78
C CYS C 146 -15.02 19.74 7.90
N GLN C 147 -15.36 20.52 6.87
CA GLN C 147 -15.22 21.97 6.98
C GLN C 147 -16.04 22.52 8.13
N ALA C 148 -17.28 22.05 8.28
CA ALA C 148 -18.18 22.64 9.24
C ALA C 148 -17.78 22.34 10.67
N VAL C 149 -17.15 21.17 10.93
CA VAL C 149 -16.72 20.89 12.31
C VAL C 149 -15.36 21.48 12.62
N SER C 150 -14.62 21.91 11.60
CA SER C 150 -13.25 22.38 11.81
C SER C 150 -13.17 23.53 12.81
N PRO C 151 -13.99 24.58 12.73
CA PRO C 151 -13.88 25.66 13.73
C PRO C 151 -14.03 25.19 15.17
N VAL C 152 -15.03 24.35 15.47
CA VAL C 152 -15.25 23.98 16.87
C VAL C 152 -14.14 23.05 17.34
N MET C 153 -13.67 22.15 16.47
CA MET C 153 -12.61 21.23 16.87
C MET C 153 -11.29 21.96 17.07
N ARG C 154 -10.98 22.93 16.19
CA ARG C 154 -9.76 23.69 16.36
C ARG C 154 -9.78 24.53 17.62
N LYS C 155 -10.91 25.18 17.90
CA LYS C 155 -11.04 25.98 19.12
C LYS C 155 -10.79 25.14 20.37
N ASN C 156 -11.28 23.90 20.37
CA ASN C 156 -11.13 23.02 21.52
C ASN C 156 -9.84 22.19 21.50
N GLN C 157 -9.03 22.31 20.45
CA GLN C 157 -7.80 21.52 20.32
C GLN C 157 -8.10 20.03 20.47
N TYR C 158 -9.20 19.58 19.86
CA TYR C 158 -9.60 18.20 19.99
C TYR C 158 -10.56 17.83 18.87
N GLY C 159 -10.34 16.67 18.28
CA GLY C 159 -11.28 16.18 17.30
C GLY C 159 -10.93 14.80 16.82
N ARG C 160 -11.95 13.98 16.58
CA ARG C 160 -11.81 12.67 15.96
C ARG C 160 -12.75 12.66 14.76
N ILE C 161 -12.19 12.53 13.57
CA ILE C 161 -12.99 12.45 12.35
C ILE C 161 -12.78 11.08 11.74
N ILE C 162 -13.88 10.39 11.44
CA ILE C 162 -13.83 9.08 10.82
C ILE C 162 -14.55 9.16 9.49
N ASN C 163 -13.80 9.01 8.41
CA ASN C 163 -14.35 8.90 7.07
C ASN C 163 -14.47 7.42 6.69
N ILE C 164 -15.30 7.14 5.69
CA ILE C 164 -15.65 5.75 5.35
C ILE C 164 -15.31 5.49 3.89
N SER C 165 -14.51 4.46 3.64
CA SER C 165 -14.26 3.95 2.30
C SER C 165 -14.96 2.59 2.16
N SER C 166 -14.36 1.68 1.39
CA SER C 166 -14.97 0.38 1.14
C SER C 166 -13.93 -0.54 0.53
N SER C 167 -14.07 -1.84 0.81
CA SER C 167 -13.16 -2.80 0.21
C SER C 167 -13.18 -2.75 -1.31
N VAL C 168 -14.27 -2.24 -1.92
CA VAL C 168 -14.36 -2.25 -3.37
C VAL C 168 -13.33 -1.33 -4.00
N VAL C 169 -12.79 -0.38 -3.25
CA VAL C 169 -11.74 0.50 -3.76
C VAL C 169 -10.48 -0.30 -4.06
N VAL C 170 -10.05 -1.13 -3.11
CA VAL C 170 -8.81 -1.88 -3.30
C VAL C 170 -9.03 -3.08 -4.22
N THR C 171 -10.22 -3.69 -4.17
CA THR C 171 -10.47 -4.85 -5.02
C THR C 171 -10.93 -4.50 -6.42
N GLY C 172 -11.36 -3.26 -6.65
CA GLY C 172 -11.88 -2.87 -7.94
C GLY C 172 -13.05 -3.72 -8.42
N ARG C 173 -14.03 -3.93 -7.56
CA ARG C 173 -15.20 -4.72 -7.94
C ARG C 173 -15.88 -4.09 -9.15
N PRO C 174 -16.37 -4.89 -10.08
CA PRO C 174 -17.03 -4.34 -11.27
C PRO C 174 -18.42 -3.79 -10.95
N ASN C 175 -18.88 -2.91 -11.83
CA ASN C 175 -20.24 -2.36 -11.92
C ASN C 175 -20.55 -1.31 -10.88
N TYR C 176 -19.55 -0.73 -10.23
CA TYR C 176 -19.75 0.35 -9.29
C TYR C 176 -18.68 1.43 -9.45
N ALA C 177 -18.33 1.77 -10.69
CA ALA C 177 -17.12 2.56 -10.91
C ALA C 177 -17.20 3.94 -10.29
N HIS C 178 -18.37 4.59 -10.35
CA HIS C 178 -18.45 5.92 -9.77
C HIS C 178 -18.40 5.85 -8.25
N TYR C 179 -19.05 4.85 -7.64
CA TYR C 179 -18.97 4.68 -6.21
C TYR C 179 -17.52 4.46 -5.78
N ILE C 180 -16.82 3.59 -6.48
CA ILE C 180 -15.41 3.32 -6.17
C ILE C 180 -14.59 4.59 -6.24
N ALA C 181 -14.75 5.36 -7.33
CA ALA C 181 -14.00 6.60 -7.46
C ALA C 181 -14.34 7.57 -6.33
N SER C 182 -15.62 7.66 -5.94
CA SER C 182 -15.98 8.58 -4.87
C SER C 182 -15.33 8.19 -3.56
N LYS C 183 -15.16 6.89 -3.30
CA LYS C 183 -14.53 6.48 -2.05
C LYS C 183 -13.01 6.61 -2.13
N GLY C 184 -12.42 6.50 -3.33
CA GLY C 184 -11.04 6.95 -3.51
C GLY C 184 -10.84 8.41 -3.15
N ALA C 185 -11.80 9.26 -3.53
CA ALA C 185 -11.72 10.67 -3.17
C ALA C 185 -11.72 10.85 -1.65
N VAL C 186 -12.61 10.12 -0.96
CA VAL C 186 -12.66 10.18 0.50
C VAL C 186 -11.35 9.69 1.10
N TRP C 187 -10.84 8.57 0.59
CA TRP C 187 -9.60 7.98 1.08
C TRP C 187 -8.44 8.98 1.01
N ALA C 188 -8.29 9.66 -0.14
CA ALA C 188 -7.22 10.64 -0.26
C ALA C 188 -7.51 11.89 0.56
N LEU C 189 -8.78 12.32 0.61
CA LEU C 189 -9.14 13.49 1.39
C LEU C 189 -8.71 13.33 2.84
N THR C 190 -8.82 12.13 3.39
CA THR C 190 -8.39 11.90 4.78
C THR C 190 -6.94 12.28 4.98
N HIS C 191 -6.09 11.99 3.99
CA HIS C 191 -4.69 12.34 4.10
C HIS C 191 -4.48 13.85 4.15
N ALA C 192 -5.13 14.58 3.24
CA ALA C 192 -5.04 16.03 3.27
C ALA C 192 -5.52 16.59 4.61
N LEU C 193 -6.65 16.09 5.11
CA LEU C 193 -7.21 16.64 6.33
C LEU C 193 -6.38 16.27 7.55
N ALA C 194 -5.78 15.08 7.56
CA ALA C 194 -4.90 14.74 8.68
C ALA C 194 -3.77 15.75 8.80
N THR C 195 -3.18 16.14 7.68
CA THR C 195 -2.13 17.14 7.70
C THR C 195 -2.68 18.49 8.18
N GLU C 196 -3.78 18.93 7.57
CA GLU C 196 -4.20 20.31 7.82
C GLU C 196 -4.79 20.50 9.21
N MET C 197 -5.40 19.45 9.76
CA MET C 197 -6.04 19.55 11.08
C MET C 197 -5.17 19.03 12.21
N GLY C 198 -4.11 18.29 11.90
CA GLY C 198 -3.24 17.72 12.93
C GLY C 198 -2.41 18.75 13.67
N THR C 199 -2.32 19.96 13.13
CA THR C 199 -1.65 21.03 13.87
C THR C 199 -2.41 21.44 15.12
N ASP C 200 -3.71 21.12 15.18
CA ASP C 200 -4.55 21.51 16.30
C ASP C 200 -5.06 20.29 17.07
N GLY C 201 -4.35 19.17 17.00
CA GLY C 201 -4.68 18.00 17.79
C GLY C 201 -5.88 17.21 17.32
N ILE C 202 -6.27 17.36 16.06
CA ILE C 202 -7.43 16.67 15.49
C ILE C 202 -6.90 15.50 14.66
N THR C 203 -7.49 14.33 14.83
CA THR C 203 -7.11 13.17 14.02
C THR C 203 -8.20 12.86 13.00
N VAL C 204 -7.77 12.33 11.86
CA VAL C 204 -8.68 12.03 10.74
C VAL C 204 -8.27 10.68 10.18
N ASN C 205 -9.17 9.70 10.23
CA ASN C 205 -8.85 8.35 9.77
C ASN C 205 -10.00 7.84 8.92
N THR C 206 -9.72 6.78 8.17
CA THR C 206 -10.69 6.15 7.28
C THR C 206 -10.88 4.69 7.68
N VAL C 207 -12.12 4.24 7.71
CA VAL C 207 -12.46 2.83 7.90
C VAL C 207 -12.94 2.30 6.56
N SER C 208 -12.43 1.15 6.17
CA SER C 208 -12.81 0.50 4.92
CA SER C 208 -12.81 0.50 4.92
C SER C 208 -13.49 -0.83 5.23
N PRO C 209 -14.81 -0.85 5.33
CA PRO C 209 -15.50 -2.12 5.59
C PRO C 209 -15.52 -3.00 4.34
N HIS C 210 -15.49 -4.32 4.58
CA HIS C 210 -15.82 -5.26 3.52
C HIS C 210 -17.15 -4.88 2.89
N GLY C 211 -17.18 -4.85 1.55
CA GLY C 211 -18.40 -4.47 0.85
C GLY C 211 -19.62 -5.26 1.28
N ILE C 212 -19.43 -6.51 1.71
CA ILE C 212 -20.57 -7.34 2.10
C ILE C 212 -21.19 -6.84 3.41
N ILE C 213 -20.40 -6.22 4.27
CA ILE C 213 -20.89 -5.62 5.51
C ILE C 213 -20.90 -4.10 5.42
N THR C 214 -20.75 -3.55 4.21
CA THR C 214 -20.75 -2.10 4.05
C THR C 214 -22.07 -1.50 4.56
N GLU C 215 -23.19 -2.13 4.23
CA GLU C 215 -24.47 -1.73 4.78
C GLU C 215 -25.28 -2.99 5.11
N ILE C 216 -26.20 -2.85 6.04
CA ILE C 216 -27.11 -3.93 6.42
C ILE C 216 -27.91 -4.33 5.18
N PRO C 217 -27.88 -5.59 4.78
CA PRO C 217 -28.67 -6.02 3.62
C PRO C 217 -30.16 -6.05 3.93
N ARG C 218 -30.96 -5.81 2.89
CA ARG C 218 -32.41 -5.89 3.04
C ARG C 218 -32.86 -7.33 3.25
N GLU C 219 -32.24 -8.27 2.54
CA GLU C 219 -32.51 -9.69 2.70
C GLU C 219 -31.24 -10.39 3.17
N THR C 220 -31.41 -11.50 3.88
CA THR C 220 -30.27 -12.24 4.41
C THR C 220 -29.45 -12.83 3.25
N ILE C 221 -28.14 -12.59 3.28
CA ILE C 221 -27.23 -13.18 2.32
C ILE C 221 -27.46 -14.68 2.30
N SER C 222 -27.77 -15.24 1.12
CA SER C 222 -27.98 -16.68 0.99
C SER C 222 -26.73 -17.42 1.43
N GLU C 223 -26.91 -18.72 1.75
CA GLU C 223 -25.76 -19.52 2.17
C GLU C 223 -24.77 -19.68 1.02
N GLU C 224 -25.27 -19.88 -0.21
CA GLU C 224 -24.36 -19.98 -1.34
C GLU C 224 -23.58 -18.69 -1.55
N GLY C 225 -24.25 -17.54 -1.39
CA GLY C 225 -23.54 -16.27 -1.45
C GLY C 225 -22.50 -16.10 -0.34
N TRP C 226 -22.82 -16.58 0.86
CA TRP C 226 -21.84 -16.52 1.94
C TRP C 226 -20.64 -17.39 1.65
N ARG C 227 -20.85 -18.55 1.05
CA ARG C 227 -19.73 -19.42 0.75
C ARG C 227 -18.84 -18.83 -0.33
N ARG C 228 -19.42 -18.15 -1.32
CA ARG C 228 -18.60 -17.44 -2.30
C ARG C 228 -17.77 -16.35 -1.64
N ASN C 229 -18.35 -15.60 -0.70
CA ASN C 229 -17.60 -14.56 -0.01
C ASN C 229 -16.50 -15.16 0.88
N LEU C 230 -16.83 -16.23 1.61
CA LEU C 230 -15.84 -16.82 2.50
C LEU C 230 -14.64 -17.35 1.73
N GLU C 231 -14.84 -17.81 0.49
CA GLU C 231 -13.71 -18.30 -0.31
C GLU C 231 -12.63 -17.25 -0.46
N GLU C 232 -13.01 -15.98 -0.57
CA GLU C 232 -12.08 -14.89 -0.71
C GLU C 232 -11.49 -14.41 0.61
N GLN C 233 -12.04 -14.81 1.74
CA GLN C 233 -11.56 -14.33 3.03
C GLN C 233 -10.48 -15.26 3.58
N ALA C 234 -9.51 -14.67 4.28
CA ALA C 234 -8.57 -15.48 5.06
C ALA C 234 -9.25 -16.02 6.31
N LEU C 235 -9.96 -15.17 7.02
CA LEU C 235 -10.71 -15.58 8.19
C LEU C 235 -12.05 -16.17 7.76
N LYS C 236 -12.25 -17.45 8.05
CA LYS C 236 -13.46 -18.14 7.56
C LYS C 236 -14.60 -17.96 8.57
N ARG C 237 -15.08 -16.72 8.66
CA ARG C 237 -16.19 -16.38 9.55
C ARG C 237 -17.09 -15.36 8.87
N LYS C 238 -18.38 -15.45 9.17
CA LYS C 238 -19.34 -14.50 8.64
C LYS C 238 -19.27 -13.19 9.40
N GLY C 239 -19.43 -12.07 8.68
CA GLY C 239 -19.30 -10.78 9.30
C GLY C 239 -20.61 -10.03 9.39
N ASP C 240 -20.69 -9.07 10.30
CA ASP C 240 -21.90 -8.28 10.49
C ASP C 240 -21.51 -6.91 11.02
N ALA C 241 -22.50 -6.18 11.56
CA ALA C 241 -22.32 -4.79 11.92
C ALA C 241 -21.52 -4.62 13.20
N SER C 242 -21.69 -5.52 14.18
CA SER C 242 -20.85 -5.48 15.37
C SER C 242 -19.37 -5.48 15.03
N ASP C 243 -19.01 -5.98 13.85
CA ASP C 243 -17.60 -6.05 13.46
C ASP C 243 -17.04 -4.70 13.09
N LEU C 244 -17.87 -3.71 12.78
CA LEU C 244 -17.38 -2.37 12.50
C LEU C 244 -17.43 -1.48 13.74
N VAL C 245 -18.30 -1.78 14.70
CA VAL C 245 -18.47 -0.90 15.85
C VAL C 245 -17.17 -0.80 16.65
N GLY C 246 -16.45 -1.91 16.79
CA GLY C 246 -15.25 -1.91 17.62
C GLY C 246 -14.19 -0.93 17.14
N ILE C 247 -13.90 -0.94 15.83
CA ILE C 247 -12.89 -0.03 15.32
C ILE C 247 -13.41 1.42 15.33
N LEU C 248 -14.71 1.63 15.10
CA LEU C 248 -15.25 2.99 15.20
C LEU C 248 -15.09 3.53 16.62
N LEU C 249 -15.36 2.69 17.62
CA LEU C 249 -15.20 3.12 19.00
C LEU C 249 -13.74 3.46 19.30
N TYR C 250 -12.81 2.63 18.80
CA TYR C 250 -11.40 2.93 18.93
C TYR C 250 -11.06 4.28 18.31
N LEU C 251 -11.47 4.47 17.04
CA LEU C 251 -11.11 5.68 16.31
C LEU C 251 -11.80 6.93 16.84
N ALA C 252 -12.94 6.77 17.51
CA ALA C 252 -13.66 7.90 18.06
C ALA C 252 -13.20 8.26 19.47
N SER C 253 -12.40 7.40 20.10
CA SER C 253 -12.06 7.55 21.51
C SER C 253 -10.66 8.12 21.65
N ASP C 254 -10.30 8.40 22.90
CA ASP C 254 -8.95 8.88 23.19
C ASP C 254 -7.90 7.78 23.08
N GLU C 255 -8.32 6.53 22.93
CA GLU C 255 -7.34 5.47 22.75
C GLU C 255 -6.60 5.58 21.42
N SER C 256 -7.12 6.35 20.47
CA SER C 256 -6.49 6.48 19.16
C SER C 256 -5.84 7.84 18.97
N LYS C 257 -5.49 8.52 20.07
CA LYS C 257 -5.05 9.91 19.97
C LYS C 257 -3.78 10.10 19.16
N PHE C 258 -3.00 9.04 18.95
CA PHE C 258 -1.76 9.11 18.18
C PHE C 258 -1.92 8.61 16.76
N MET C 259 -3.11 8.18 16.37
CA MET C 259 -3.35 7.63 15.04
C MET C 259 -4.03 8.66 14.16
N THR C 260 -3.43 8.97 13.02
CA THR C 260 -4.08 9.87 12.08
C THR C 260 -3.62 9.56 10.66
N GLY C 261 -4.51 9.81 9.71
CA GLY C 261 -4.20 9.60 8.31
C GLY C 261 -4.12 8.16 7.89
N GLN C 262 -4.66 7.23 8.70
CA GLN C 262 -4.60 5.81 8.39
C GLN C 262 -5.92 5.33 7.82
N THR C 263 -5.86 4.22 7.09
CA THR C 263 -7.03 3.50 6.62
C THR C 263 -7.01 2.12 7.24
N VAL C 264 -8.09 1.77 7.93
CA VAL C 264 -8.20 0.50 8.64
C VAL C 264 -9.26 -0.33 7.95
N ALA C 265 -8.88 -1.51 7.44
CA ALA C 265 -9.80 -2.33 6.69
C ALA C 265 -10.34 -3.44 7.59
N LEU C 266 -11.66 -3.57 7.63
CA LEU C 266 -12.35 -4.62 8.38
C LEU C 266 -12.94 -5.55 7.34
N ASP C 267 -12.19 -6.61 7.00
CA ASP C 267 -12.53 -7.38 5.81
C ASP C 267 -12.21 -8.86 5.94
N ALA C 268 -11.94 -9.37 7.15
CA ALA C 268 -11.63 -10.78 7.37
C ALA C 268 -10.49 -11.25 6.48
N GLY C 269 -9.59 -10.33 6.13
CA GLY C 269 -8.46 -10.70 5.31
C GLY C 269 -8.78 -10.91 3.85
N LEU C 270 -9.90 -10.35 3.36
CA LEU C 270 -10.14 -10.27 1.94
C LEU C 270 -8.92 -9.73 1.19
N ARG C 271 -8.30 -8.70 1.74
CA ARG C 271 -6.99 -8.22 1.33
C ARG C 271 -6.11 -8.10 2.57
N PHE C 272 -4.81 -8.01 2.33
CA PHE C 272 -3.85 -7.87 3.41
C PHE C 272 -3.13 -6.54 3.28
N THR C 273 -2.68 -6.00 4.41
CA THR C 273 -1.92 -4.77 4.41
C THR C 273 -0.71 -4.86 5.32
N VAL D 23 -12.47 -4.82 31.75
CA VAL D 23 -12.68 -6.26 31.66
C VAL D 23 -12.67 -6.72 30.20
N ARG D 24 -12.04 -5.93 29.34
CA ARG D 24 -12.08 -6.22 27.90
C ARG D 24 -11.32 -7.49 27.54
N LEU D 25 -10.47 -7.99 28.43
CA LEU D 25 -9.76 -9.25 28.22
C LEU D 25 -10.09 -10.26 29.32
N ALA D 26 -11.27 -10.12 29.93
CA ALA D 26 -11.67 -11.03 31.00
C ALA D 26 -11.69 -12.49 30.52
N ASN D 27 -11.17 -13.37 31.36
CA ASN D 27 -11.14 -14.81 31.07
C ASN D 27 -10.37 -15.13 29.78
N ARG D 28 -9.34 -14.34 29.47
CA ARG D 28 -8.42 -14.66 28.39
C ARG D 28 -7.01 -14.77 28.95
N VAL D 29 -6.18 -15.52 28.25
CA VAL D 29 -4.79 -15.75 28.61
C VAL D 29 -3.90 -15.16 27.52
N ALA D 30 -2.91 -14.34 27.91
CA ALA D 30 -2.04 -13.70 26.94
C ALA D 30 -0.57 -14.00 27.25
N ILE D 31 0.17 -14.42 26.23
CA ILE D 31 1.62 -14.50 26.29
C ILE D 31 2.18 -13.26 25.62
N ILE D 32 3.08 -12.56 26.31
CA ILE D 32 3.76 -11.39 25.74
C ILE D 32 5.25 -11.64 25.86
N THR D 33 5.93 -11.71 24.71
CA THR D 33 7.37 -11.91 24.75
C THR D 33 8.07 -10.56 24.90
N GLY D 34 9.31 -10.60 25.38
CA GLY D 34 10.05 -9.38 25.67
C GLY D 34 9.37 -8.48 26.68
N ALA D 35 8.71 -9.07 27.66
CA ALA D 35 7.80 -8.33 28.53
C ALA D 35 8.43 -7.92 29.87
N ALA D 36 9.72 -8.14 30.08
CA ALA D 36 10.28 -7.75 31.37
C ALA D 36 10.57 -6.25 31.47
N GLN D 37 10.59 -5.54 30.36
CA GLN D 37 10.88 -4.11 30.40
C GLN D 37 10.31 -3.46 29.16
N GLY D 38 10.34 -2.13 29.15
CA GLY D 38 9.94 -1.40 27.96
C GLY D 38 8.45 -1.47 27.72
N ILE D 39 8.09 -1.39 26.44
CA ILE D 39 6.67 -1.40 26.07
C ILE D 39 6.05 -2.76 26.37
N GLY D 40 6.82 -3.85 26.23
CA GLY D 40 6.30 -5.16 26.55
C GLY D 40 5.82 -5.27 27.98
N ARG D 41 6.53 -4.64 28.92
CA ARG D 41 6.08 -4.64 30.30
C ARG D 41 4.77 -3.88 30.45
N ILE D 42 4.63 -2.77 29.73
CA ILE D 42 3.40 -2.01 29.80
C ILE D 42 2.25 -2.79 29.18
N TYR D 43 2.48 -3.49 28.07
CA TYR D 43 1.45 -4.37 27.52
C TYR D 43 0.96 -5.35 28.58
N ALA D 44 1.92 -6.02 29.25
CA ALA D 44 1.58 -7.02 30.25
C ALA D 44 0.78 -6.42 31.40
N GLU D 45 1.26 -5.28 31.93
CA GLU D 45 0.55 -4.61 33.01
C GLU D 45 -0.87 -4.21 32.60
N ARG D 46 -1.02 -3.62 31.43
CA ARG D 46 -2.32 -3.15 30.99
C ARG D 46 -3.25 -4.30 30.62
N PHE D 47 -2.71 -5.34 29.98
CA PHE D 47 -3.50 -6.53 29.72
C PHE D 47 -4.02 -7.17 31.01
N ALA D 48 -3.15 -7.25 32.03
CA ALA D 48 -3.59 -7.79 33.31
C ALA D 48 -4.67 -6.92 33.94
N GLU D 49 -4.56 -5.59 33.79
CA GLU D 49 -5.59 -4.70 34.31
C GLU D 49 -6.94 -4.94 33.65
N GLU D 50 -6.93 -5.39 32.39
CA GLU D 50 -8.15 -5.65 31.64
C GLU D 50 -8.64 -7.08 31.79
N GLY D 51 -8.13 -7.82 32.77
CA GLY D 51 -8.64 -9.13 33.11
C GLY D 51 -7.86 -10.29 32.55
N ALA D 52 -6.86 -10.05 31.71
CA ALA D 52 -6.10 -11.14 31.12
C ALA D 52 -5.22 -11.80 32.17
N ALA D 53 -5.12 -13.13 32.09
CA ALA D 53 -4.04 -13.83 32.75
C ALA D 53 -2.82 -13.73 31.84
N VAL D 54 -1.72 -13.18 32.36
CA VAL D 54 -0.59 -12.76 31.54
C VAL D 54 0.61 -13.65 31.81
N VAL D 55 1.25 -14.12 30.74
CA VAL D 55 2.54 -14.79 30.83
C VAL D 55 3.61 -13.77 30.45
N VAL D 56 4.35 -13.30 31.44
CA VAL D 56 5.43 -12.33 31.21
C VAL D 56 6.65 -13.12 30.76
N ALA D 57 6.91 -13.12 29.47
CA ALA D 57 7.95 -13.96 28.90
C ALA D 57 9.13 -13.09 28.47
N ASP D 58 10.33 -13.50 28.88
CA ASP D 58 11.50 -12.67 28.63
C ASP D 58 12.76 -13.51 28.80
N ILE D 59 13.82 -13.10 28.13
CA ILE D 59 15.12 -13.74 28.33
C ILE D 59 15.61 -13.56 29.76
N ASN D 60 15.17 -12.49 30.44
CA ASN D 60 15.60 -12.15 31.80
C ASN D 60 14.51 -12.64 32.76
N GLU D 61 14.67 -13.85 33.27
CA GLU D 61 13.62 -14.40 34.13
C GLU D 61 13.48 -13.64 35.45
N PRO D 62 14.59 -13.24 36.11
CA PRO D 62 14.43 -12.44 37.33
C PRO D 62 13.62 -11.17 37.12
N LYS D 63 13.93 -10.42 36.06
CA LYS D 63 13.19 -9.18 35.82
C LYS D 63 11.74 -9.47 35.44
N ALA D 64 11.52 -10.52 34.66
CA ALA D 64 10.14 -10.89 34.31
C ALA D 64 9.35 -11.32 35.54
N THR D 65 10.01 -12.01 36.47
CA THR D 65 9.35 -12.38 37.72
C THR D 65 8.97 -11.15 38.52
N GLU D 66 9.79 -10.11 38.46
CA GLU D 66 9.46 -8.88 39.16
C GLU D 66 8.24 -8.21 38.54
N VAL D 67 8.08 -8.31 37.23
CA VAL D 67 6.90 -7.76 36.57
C VAL D 67 5.66 -8.56 36.97
N ALA D 68 5.76 -9.88 36.92
CA ALA D 68 4.61 -10.71 37.28
C ALA D 68 4.20 -10.48 38.74
N SER D 69 5.18 -10.38 39.64
CA SER D 69 4.86 -10.14 41.05
C SER D 69 4.26 -8.75 41.25
N SER D 70 4.77 -7.75 40.54
CA SER D 70 4.17 -6.43 40.56
C SER D 70 2.72 -6.47 40.09
N ILE D 71 2.46 -7.20 39.01
CA ILE D 71 1.09 -7.36 38.51
C ILE D 71 0.23 -8.10 39.53
N THR D 72 0.78 -9.16 40.12
CA THR D 72 0.02 -9.99 41.06
C THR D 72 -0.34 -9.22 42.32
N SER D 73 0.61 -8.44 42.85
CA SER D 73 0.33 -7.68 44.07
C SER D 73 -0.71 -6.58 43.84
N LEU D 74 -1.03 -6.24 42.60
CA LEU D 74 -2.10 -5.29 42.29
C LEU D 74 -3.42 -5.98 41.97
N GLY D 75 -3.53 -7.28 42.23
CA GLY D 75 -4.77 -8.00 42.04
C GLY D 75 -4.94 -8.68 40.70
N GLY D 76 -3.94 -8.60 39.82
CA GLY D 76 -4.01 -9.28 38.55
C GLY D 76 -3.41 -10.68 38.60
N ARG D 77 -3.57 -11.40 37.50
CA ARG D 77 -3.03 -12.75 37.36
C ARG D 77 -1.89 -12.74 36.36
N ALA D 78 -0.73 -13.23 36.79
CA ALA D 78 0.44 -13.27 35.92
C ALA D 78 1.43 -14.31 36.43
N ILE D 79 2.15 -14.92 35.50
CA ILE D 79 3.34 -15.72 35.78
C ILE D 79 4.46 -15.21 34.91
N ALA D 80 5.69 -15.51 35.31
CA ALA D 80 6.86 -15.24 34.50
C ALA D 80 7.33 -16.52 33.84
N ALA D 81 7.81 -16.40 32.61
CA ALA D 81 8.41 -17.52 31.91
C ALA D 81 9.70 -17.04 31.26
N ALA D 82 10.82 -17.69 31.59
CA ALA D 82 12.02 -17.46 30.80
C ALA D 82 11.81 -17.99 29.40
N VAL D 83 12.24 -17.22 28.40
CA VAL D 83 12.19 -17.72 27.03
C VAL D 83 13.32 -17.08 26.23
N ASP D 84 13.98 -17.91 25.42
CA ASP D 84 14.84 -17.48 24.33
C ASP D 84 14.03 -17.75 23.08
N VAL D 85 13.45 -16.70 22.47
CA VAL D 85 12.51 -16.94 21.38
C VAL D 85 13.19 -17.53 20.16
N SER D 86 14.51 -17.44 20.07
CA SER D 86 15.23 -18.06 18.96
C SER D 86 15.43 -19.55 19.15
N ASP D 87 15.03 -20.10 20.30
CA ASP D 87 15.29 -21.49 20.69
C ASP D 87 13.95 -22.24 20.73
N VAL D 88 13.74 -23.14 19.76
CA VAL D 88 12.46 -23.83 19.65
C VAL D 88 12.10 -24.57 20.96
N GLU D 89 13.08 -25.20 21.62
CA GLU D 89 12.78 -25.91 22.86
C GLU D 89 12.37 -24.94 23.96
N SER D 90 13.03 -23.77 24.03
CA SER D 90 12.67 -22.77 25.02
C SER D 90 11.27 -22.21 24.75
N VAL D 91 10.96 -21.98 23.48
CA VAL D 91 9.63 -21.47 23.11
C VAL D 91 8.55 -22.48 23.48
N ASN D 92 8.80 -23.77 23.21
CA ASN D 92 7.82 -24.81 23.56
C ASN D 92 7.61 -24.88 25.07
N ARG D 93 8.69 -24.78 25.85
CA ARG D 93 8.57 -24.76 27.30
C ARG D 93 7.75 -23.56 27.77
N MET D 94 7.85 -22.42 27.07
CA MET D 94 7.08 -21.24 27.42
C MET D 94 5.59 -21.49 27.25
N VAL D 95 5.19 -22.04 26.11
CA VAL D 95 3.78 -22.31 25.88
C VAL D 95 3.28 -23.39 26.85
N ASP D 96 4.09 -24.41 27.12
CA ASP D 96 3.68 -25.41 28.11
C ASP D 96 3.45 -24.76 29.47
N SER D 97 4.31 -23.81 29.84
CA SER D 97 4.17 -23.16 31.15
C SER D 97 2.88 -22.36 31.22
N ALA D 98 2.54 -21.68 30.12
CA ALA D 98 1.30 -20.93 30.04
C ALA D 98 0.09 -21.83 30.19
N VAL D 99 0.05 -22.93 29.44
CA VAL D 99 -1.09 -23.84 29.53
C VAL D 99 -1.12 -24.52 30.89
N GLU D 100 0.04 -24.82 31.48
CA GLU D 100 0.07 -25.39 32.83
C GLU D 100 -0.58 -24.45 33.83
N ALA D 101 -0.30 -23.16 33.74
CA ALA D 101 -0.81 -22.22 34.71
C ALA D 101 -2.27 -21.88 34.46
N PHE D 102 -2.64 -21.67 33.19
CA PHE D 102 -3.89 -21.01 32.86
C PHE D 102 -4.81 -21.83 31.97
N GLY D 103 -4.38 -23.00 31.50
CA GLY D 103 -5.25 -23.91 30.79
C GLY D 103 -5.32 -23.72 29.29
N THR D 104 -4.89 -22.57 28.78
CA THR D 104 -5.02 -22.27 27.36
C THR D 104 -4.13 -21.08 27.05
N VAL D 105 -4.06 -20.74 25.76
CA VAL D 105 -3.49 -19.48 25.30
C VAL D 105 -4.48 -18.87 24.33
N ASP D 106 -4.97 -17.67 24.63
CA ASP D 106 -5.85 -16.94 23.72
C ASP D 106 -5.11 -15.93 22.87
N ILE D 107 -4.05 -15.32 23.39
CA ILE D 107 -3.43 -14.13 22.81
C ILE D 107 -1.93 -14.34 22.85
N LEU D 108 -1.25 -14.04 21.74
CA LEU D 108 0.21 -14.01 21.67
C LEU D 108 0.62 -12.66 21.11
N VAL D 109 1.47 -11.94 21.85
CA VAL D 109 2.07 -10.70 21.37
C VAL D 109 3.55 -10.94 21.19
N ASN D 110 4.01 -10.94 19.94
CA ASN D 110 5.43 -11.23 19.63
C ASN D 110 6.22 -9.92 19.65
N ASN D 111 6.43 -9.43 20.88
CA ASN D 111 7.10 -8.15 21.12
C ASN D 111 8.62 -8.27 21.25
N ALA D 112 9.14 -9.46 21.57
CA ALA D 112 10.59 -9.62 21.70
C ALA D 112 11.30 -9.23 20.41
N ALA D 113 12.33 -8.39 20.55
CA ALA D 113 13.09 -7.96 19.38
C ALA D 113 14.41 -7.37 19.84
N ILE D 114 15.43 -7.52 19.00
CA ILE D 114 16.68 -6.79 19.15
C ILE D 114 16.50 -5.45 18.44
N PHE D 115 16.62 -4.36 19.20
CA PHE D 115 16.56 -3.03 18.59
C PHE D 115 17.29 -2.00 19.42
N SER D 116 16.94 -1.89 20.71
CA SER D 116 17.52 -0.84 21.55
C SER D 116 19.03 -0.98 21.67
N THR D 117 19.54 -2.22 21.71
CA THR D 117 20.99 -2.41 21.82
C THR D 117 21.71 -2.07 20.52
N LEU D 118 21.01 -1.99 19.40
CA LEU D 118 21.68 -1.82 18.12
C LEU D 118 22.44 -0.51 18.05
N LYS D 119 23.68 -0.57 17.56
CA LYS D 119 24.41 0.61 17.16
C LYS D 119 24.15 0.89 15.68
N MET D 120 23.93 2.16 15.36
CA MET D 120 23.74 2.53 13.96
C MET D 120 25.01 2.23 13.18
N LYS D 121 24.85 1.65 11.98
CA LYS D 121 25.99 1.48 11.09
C LYS D 121 25.48 1.35 9.67
N PRO D 122 26.21 1.88 8.69
CA PRO D 122 25.83 1.70 7.28
C PRO D 122 25.76 0.22 6.96
N PHE D 123 24.93 -0.14 5.97
CA PHE D 123 24.62 -1.56 5.81
C PHE D 123 25.84 -2.34 5.38
N GLU D 124 26.80 -1.70 4.70
CA GLU D 124 28.02 -2.37 4.30
C GLU D 124 28.81 -2.91 5.48
N GLU D 125 28.60 -2.37 6.69
CA GLU D 125 29.38 -2.74 7.86
C GLU D 125 28.71 -3.82 8.70
N ILE D 126 27.51 -4.25 8.32
CA ILE D 126 26.80 -5.30 9.04
C ILE D 126 27.33 -6.65 8.57
N SER D 127 27.92 -7.41 9.47
CA SER D 127 28.41 -8.72 9.08
C SER D 127 27.24 -9.69 8.87
N GLY D 128 27.51 -10.76 8.12
CA GLY D 128 26.53 -11.82 8.00
C GLY D 128 26.14 -12.42 9.34
N ASP D 129 27.09 -12.48 10.29
CA ASP D 129 26.77 -13.02 11.60
C ASP D 129 25.83 -12.10 12.37
N GLU D 130 26.06 -10.78 12.29
CA GLU D 130 25.13 -9.85 12.96
CA GLU D 130 25.15 -9.82 12.94
C GLU D 130 23.75 -9.91 12.34
N TRP D 131 23.67 -9.98 11.01
CA TRP D 131 22.40 -10.18 10.31
C TRP D 131 21.69 -11.43 10.82
N ASP D 132 22.39 -12.56 10.87
CA ASP D 132 21.75 -13.81 11.27
C ASP D 132 21.28 -13.75 12.72
N LYS D 133 22.10 -13.17 13.60
CA LYS D 133 21.74 -13.18 15.02
C LYS D 133 20.50 -12.33 15.26
N LEU D 134 20.38 -11.21 14.56
CA LEU D 134 19.19 -10.37 14.69
C LEU D 134 17.97 -11.07 14.10
N PHE D 135 18.12 -11.70 12.93
CA PHE D 135 17.00 -12.43 12.34
C PHE D 135 16.55 -13.59 13.23
N ALA D 136 17.48 -14.23 13.94
CA ALA D 136 17.11 -15.36 14.78
C ALA D 136 16.11 -14.97 15.86
N VAL D 137 16.24 -13.77 16.40
CA VAL D 137 15.31 -13.29 17.41
C VAL D 137 14.08 -12.66 16.77
N ASN D 138 14.30 -11.73 15.84
CA ASN D 138 13.21 -10.86 15.40
C ASN D 138 12.25 -11.58 14.48
N ALA D 139 12.76 -12.39 13.55
CA ALA D 139 11.93 -13.03 12.54
C ALA D 139 11.67 -14.49 12.89
N LYS D 140 12.75 -15.27 13.02
CA LYS D 140 12.59 -16.67 13.42
C LYS D 140 11.88 -16.78 14.76
N GLY D 141 12.23 -15.91 15.73
CA GLY D 141 11.59 -15.98 17.03
C GLY D 141 10.09 -15.82 16.98
N THR D 142 9.62 -14.85 16.18
CA THR D 142 8.18 -14.68 16.00
C THR D 142 7.57 -15.92 15.34
N PHE D 143 8.25 -16.46 14.32
CA PHE D 143 7.80 -17.69 13.66
C PHE D 143 7.65 -18.84 14.66
N LEU D 144 8.69 -19.09 15.47
CA LEU D 144 8.65 -20.22 16.39
C LEU D 144 7.54 -20.06 17.43
N CYS D 145 7.33 -18.84 17.92
CA CYS D 145 6.25 -18.66 18.91
C CYS D 145 4.89 -18.91 18.27
N CYS D 146 4.71 -18.46 17.03
CA CYS D 146 3.46 -18.72 16.31
C CYS D 146 3.25 -20.20 16.10
N GLN D 147 4.32 -20.94 15.77
CA GLN D 147 4.19 -22.39 15.66
C GLN D 147 3.73 -23.00 16.97
N ALA D 148 4.28 -22.50 18.09
CA ALA D 148 4.08 -23.19 19.36
C ALA D 148 2.68 -22.96 19.91
N VAL D 149 2.07 -21.80 19.63
CA VAL D 149 0.69 -21.56 20.08
C VAL D 149 -0.34 -22.12 19.11
N SER D 150 0.07 -22.51 17.90
CA SER D 150 -0.89 -22.98 16.90
C SER D 150 -1.73 -24.16 17.38
N PRO D 151 -1.17 -25.24 17.93
CA PRO D 151 -2.06 -26.35 18.32
C PRO D 151 -3.09 -25.96 19.36
N VAL D 152 -2.75 -25.15 20.37
CA VAL D 152 -3.75 -24.86 21.39
C VAL D 152 -4.81 -23.92 20.83
N MET D 153 -4.39 -23.00 19.95
CA MET D 153 -5.36 -22.06 19.39
C MET D 153 -6.29 -22.77 18.42
N ARG D 154 -5.76 -23.68 17.59
CA ARG D 154 -6.61 -24.42 16.67
C ARG D 154 -7.58 -25.33 17.42
N LYS D 155 -7.13 -25.96 18.51
CA LYS D 155 -8.01 -26.82 19.29
C LYS D 155 -9.19 -26.04 19.86
N ASN D 156 -8.93 -24.83 20.34
CA ASN D 156 -9.96 -24.00 20.95
C ASN D 156 -10.70 -23.13 19.94
N GLN D 157 -10.33 -23.19 18.66
CA GLN D 157 -10.97 -22.37 17.63
C GLN D 157 -10.97 -20.90 18.03
N TYR D 158 -9.85 -20.44 18.57
CA TYR D 158 -9.76 -19.06 19.01
C TYR D 158 -8.30 -18.65 19.11
N GLY D 159 -7.98 -17.48 18.56
CA GLY D 159 -6.64 -16.96 18.74
C GLY D 159 -6.54 -15.53 18.28
N ARG D 160 -5.77 -14.72 19.01
CA ARG D 160 -5.36 -13.39 18.57
C ARG D 160 -3.84 -13.35 18.60
N ILE D 161 -3.22 -13.21 17.44
CA ILE D 161 -1.77 -13.09 17.36
C ILE D 161 -1.46 -11.68 16.88
N ILE D 162 -0.60 -10.99 17.62
CA ILE D 162 -0.18 -9.63 17.27
C ILE D 162 1.33 -9.69 17.06
N ASN D 163 1.74 -9.47 15.83
CA ASN D 163 3.15 -9.30 15.48
C ASN D 163 3.47 -7.82 15.42
N ILE D 164 4.76 -7.51 15.48
CA ILE D 164 5.24 -6.14 15.66
C ILE D 164 6.22 -5.82 14.54
N SER D 165 5.93 -4.77 13.78
CA SER D 165 6.84 -4.20 12.80
C SER D 165 7.34 -2.86 13.34
N SER D 166 7.61 -1.90 12.46
CA SER D 166 8.14 -0.62 12.88
C SER D 166 7.98 0.37 11.73
N SER D 167 7.77 1.65 12.08
CA SER D 167 7.74 2.67 11.04
C SER D 167 8.99 2.66 10.17
N VAL D 168 10.13 2.16 10.67
CA VAL D 168 11.34 2.24 9.88
C VAL D 168 11.26 1.38 8.64
N VAL D 169 10.36 0.39 8.61
CA VAL D 169 10.19 -0.45 7.42
C VAL D 169 9.68 0.39 6.25
N VAL D 170 8.64 1.19 6.49
CA VAL D 170 8.07 1.97 5.40
C VAL D 170 8.91 3.20 5.10
N THR D 171 9.54 3.80 6.12
CA THR D 171 10.35 4.99 5.87
C THR D 171 11.75 4.66 5.39
N GLY D 172 12.22 3.43 5.61
CA GLY D 172 13.57 3.08 5.21
C GLY D 172 14.64 3.93 5.89
N ARG D 173 14.52 4.13 7.20
CA ARG D 173 15.52 4.89 7.94
C ARG D 173 16.91 4.32 7.72
N PRO D 174 17.94 5.14 7.66
CA PRO D 174 19.29 4.62 7.45
C PRO D 174 19.86 4.00 8.72
N ASN D 175 20.84 3.12 8.51
CA ASN D 175 21.75 2.59 9.53
C ASN D 175 21.14 1.48 10.38
N TYR D 176 20.04 0.87 9.92
CA TYR D 176 19.40 -0.24 10.60
C TYR D 176 18.92 -1.29 9.60
N ALA D 177 19.74 -1.59 8.58
CA ALA D 177 19.19 -2.32 7.44
C ALA D 177 18.75 -3.73 7.81
N HIS D 178 19.52 -4.41 8.68
CA HIS D 178 19.12 -5.77 9.06
C HIS D 178 17.86 -5.75 9.92
N TYR D 179 17.74 -4.76 10.81
CA TYR D 179 16.51 -4.63 11.61
C TYR D 179 15.31 -4.40 10.70
N ILE D 180 15.45 -3.49 9.74
CA ILE D 180 14.36 -3.21 8.81
C ILE D 180 13.96 -4.48 8.06
N ALA D 181 14.95 -5.21 7.53
CA ALA D 181 14.64 -6.42 6.79
C ALA D 181 13.95 -7.45 7.67
N SER D 182 14.38 -7.56 8.94
CA SER D 182 13.77 -8.55 9.82
C SER D 182 12.31 -8.21 10.09
N LYS D 183 11.98 -6.91 10.16
CA LYS D 183 10.59 -6.56 10.38
C LYS D 183 9.76 -6.67 9.11
N GLY D 184 10.37 -6.52 7.93
CA GLY D 184 9.69 -6.89 6.70
C GLY D 184 9.34 -8.38 6.66
N ALA D 185 10.23 -9.23 7.18
CA ALA D 185 9.91 -10.65 7.27
C ALA D 185 8.70 -10.87 8.17
N VAL D 186 8.65 -10.18 9.32
CA VAL D 186 7.51 -10.31 10.22
C VAL D 186 6.24 -9.84 9.52
N TRP D 187 6.33 -8.70 8.84
CA TRP D 187 5.17 -8.11 8.17
C TRP D 187 4.57 -9.08 7.15
N ALA D 188 5.41 -9.70 6.34
CA ALA D 188 4.93 -10.67 5.37
C ALA D 188 4.46 -11.95 6.05
N LEU D 189 5.18 -12.41 7.08
CA LEU D 189 4.77 -13.62 7.80
C LEU D 189 3.33 -13.50 8.31
N THR D 190 2.94 -12.32 8.81
CA THR D 190 1.57 -12.13 9.27
C THR D 190 0.55 -12.50 8.20
N HIS D 191 0.82 -12.12 6.95
CA HIS D 191 -0.09 -12.48 5.86
C HIS D 191 -0.19 -13.98 5.67
N ALA D 192 0.95 -14.68 5.63
CA ALA D 192 0.91 -16.13 5.49
C ALA D 192 0.14 -16.77 6.62
N LEU D 193 0.39 -16.33 7.86
CA LEU D 193 -0.27 -16.94 9.02
C LEU D 193 -1.74 -16.58 9.10
N ALA D 194 -2.12 -15.36 8.70
CA ALA D 194 -3.54 -15.04 8.66
C ALA D 194 -4.28 -16.04 7.77
N THR D 195 -3.70 -16.36 6.60
CA THR D 195 -4.29 -17.37 5.72
C THR D 195 -4.35 -18.74 6.37
N GLU D 196 -3.23 -19.21 6.88
CA GLU D 196 -3.17 -20.60 7.33
C GLU D 196 -3.93 -20.82 8.63
N MET D 197 -3.99 -19.80 9.50
CA MET D 197 -4.65 -19.97 10.79
C MET D 197 -6.11 -19.48 10.79
N GLY D 198 -6.51 -18.70 9.78
CA GLY D 198 -7.87 -18.17 9.73
C GLY D 198 -8.94 -19.21 9.47
N THR D 199 -8.55 -20.40 9.02
CA THR D 199 -9.51 -21.50 8.88
C THR D 199 -10.04 -21.96 10.22
N ASP D 200 -9.30 -21.69 11.30
CA ASP D 200 -9.68 -22.12 12.64
C ASP D 200 -10.06 -20.94 13.53
N GLY D 201 -10.47 -19.82 12.94
CA GLY D 201 -10.96 -18.69 13.69
C GLY D 201 -9.89 -17.90 14.41
N ILE D 202 -8.64 -18.02 13.99
CA ILE D 202 -7.52 -17.30 14.60
C ILE D 202 -7.20 -16.11 13.72
N THR D 203 -7.00 -14.93 14.34
CA THR D 203 -6.60 -13.74 13.61
C THR D 203 -5.14 -13.43 13.89
N VAL D 204 -4.49 -12.82 12.89
CA VAL D 204 -3.07 -12.50 12.97
C VAL D 204 -2.91 -11.12 12.35
N ASN D 205 -2.40 -10.17 13.11
CA ASN D 205 -2.28 -8.79 12.63
C ASN D 205 -0.94 -8.24 13.08
N THR D 206 -0.53 -7.14 12.45
CA THR D 206 0.75 -6.50 12.74
C THR D 206 0.52 -5.08 13.24
N VAL D 207 1.20 -4.70 14.31
CA VAL D 207 1.24 -3.29 14.73
C VAL D 207 2.59 -2.71 14.34
N SER D 208 2.58 -1.52 13.75
CA SER D 208 3.80 -0.83 13.34
CA SER D 208 3.80 -0.82 13.35
C SER D 208 3.92 0.46 14.15
N PRO D 209 4.61 0.44 15.29
CA PRO D 209 4.80 1.67 16.07
C PRO D 209 5.80 2.60 15.41
N HIS D 210 5.56 3.90 15.61
CA HIS D 210 6.60 4.88 15.35
C HIS D 210 7.88 4.45 16.05
N GLY D 211 8.98 4.43 15.30
CA GLY D 211 10.25 4.00 15.87
C GLY D 211 10.70 4.84 17.04
N ILE D 212 10.16 6.06 17.18
CA ILE D 212 10.59 6.95 18.25
C ILE D 212 10.06 6.52 19.62
N ILE D 213 9.03 5.69 19.68
CA ILE D 213 8.44 5.33 20.97
C ILE D 213 9.22 4.20 21.64
N ILE D 221 14.50 11.35 24.90
CA ILE D 221 14.77 12.13 23.69
C ILE D 221 14.89 13.60 24.03
N SER D 222 15.88 14.27 23.44
CA SER D 222 16.04 15.70 23.63
C SER D 222 14.88 16.46 22.97
N GLU D 223 14.68 17.70 23.42
CA GLU D 223 13.64 18.51 22.80
C GLU D 223 13.95 18.78 21.33
N GLU D 224 15.21 19.07 21.02
CA GLU D 224 15.58 19.25 19.62
C GLU D 224 15.26 17.99 18.82
N GLY D 225 15.48 16.82 19.40
CA GLY D 225 15.12 15.58 18.73
C GLY D 225 13.62 15.43 18.56
N TRP D 226 12.85 15.81 19.58
CA TRP D 226 11.40 15.78 19.45
C TRP D 226 10.93 16.66 18.31
N ARG D 227 11.53 17.85 18.17
CA ARG D 227 11.09 18.79 17.15
C ARG D 227 11.41 18.27 15.76
N ARG D 228 12.58 17.65 15.59
CA ARG D 228 12.88 17.01 14.31
C ARG D 228 11.87 15.92 13.99
N ASN D 229 11.48 15.14 15.00
CA ASN D 229 10.48 14.09 14.76
C ASN D 229 9.10 14.70 14.48
N LEU D 230 8.73 15.76 15.22
CA LEU D 230 7.42 16.37 15.01
C LEU D 230 7.29 16.97 13.61
N GLU D 231 8.39 17.49 13.05
CA GLU D 231 8.36 18.03 11.69
C GLU D 231 7.78 17.03 10.70
N GLU D 232 8.07 15.74 10.88
CA GLU D 232 7.61 14.74 9.93
C GLU D 232 6.21 14.22 10.22
N GLN D 233 5.63 14.55 11.37
CA GLN D 233 4.33 14.02 11.75
C GLN D 233 3.23 14.96 11.29
N ALA D 234 2.10 14.37 10.89
CA ALA D 234 0.90 15.17 10.64
C ALA D 234 0.31 15.65 11.94
N LEU D 235 0.19 14.76 12.90
CA LEU D 235 -0.29 15.10 14.23
C LEU D 235 0.87 15.63 15.06
N LYS D 236 0.79 16.88 15.49
CA LYS D 236 1.89 17.53 16.20
C LYS D 236 1.79 17.25 17.70
N ARG D 237 2.04 16.00 18.05
CA ARG D 237 1.96 15.55 19.43
C ARG D 237 3.06 14.52 19.70
N LYS D 238 3.62 14.57 20.91
CA LYS D 238 4.64 13.62 21.31
C LYS D 238 4.00 12.29 21.68
N GLY D 239 4.60 11.20 21.24
CA GLY D 239 4.08 9.87 21.47
C GLY D 239 4.75 9.19 22.66
N ASP D 240 4.02 8.27 23.29
CA ASP D 240 4.57 7.44 24.36
C ASP D 240 3.89 6.08 24.31
N ALA D 241 4.11 5.28 25.36
CA ALA D 241 3.65 3.90 25.33
C ALA D 241 2.13 3.79 25.41
N SER D 242 1.46 4.71 26.10
CA SER D 242 -0.01 4.67 26.15
C SER D 242 -0.61 4.71 24.74
N ASP D 243 0.13 5.26 23.79
CA ASP D 243 -0.37 5.39 22.43
C ASP D 243 -0.41 4.06 21.69
N LEU D 244 0.30 3.04 22.18
CA LEU D 244 0.24 1.71 21.58
C LEU D 244 -0.70 0.77 22.30
N VAL D 245 -0.99 1.01 23.58
CA VAL D 245 -1.77 0.06 24.36
C VAL D 245 -3.18 -0.08 23.77
N GLY D 246 -3.77 1.04 23.35
CA GLY D 246 -5.14 0.98 22.86
C GLY D 246 -5.32 0.06 21.66
N ILE D 247 -4.41 0.14 20.69
CA ILE D 247 -4.58 -0.72 19.53
C ILE D 247 -4.25 -2.17 19.88
N LEU D 248 -3.31 -2.41 20.78
CA LEU D 248 -3.05 -3.78 21.22
C LEU D 248 -4.27 -4.37 21.93
N LEU D 249 -4.92 -3.57 22.78
CA LEU D 249 -6.13 -4.06 23.42
C LEU D 249 -7.21 -4.37 22.39
N TYR D 250 -7.37 -3.50 21.40
CA TYR D 250 -8.33 -3.77 20.33
C TYR D 250 -8.00 -5.08 19.63
N LEU D 251 -6.73 -5.25 19.23
CA LEU D 251 -6.34 -6.42 18.44
C LEU D 251 -6.32 -7.71 19.25
N ALA D 252 -6.16 -7.62 20.58
CA ALA D 252 -6.16 -8.79 21.44
C ALA D 252 -7.56 -9.19 21.89
N SER D 253 -8.56 -8.35 21.65
CA SER D 253 -9.89 -8.56 22.21
C SER D 253 -10.83 -9.12 21.15
N ASP D 254 -12.07 -9.40 21.57
CA ASP D 254 -13.10 -9.83 20.63
C ASP D 254 -13.62 -8.71 19.75
N GLU D 255 -13.31 -7.45 20.07
CA GLU D 255 -13.77 -6.36 19.22
C GLU D 255 -13.13 -6.39 17.84
N SER D 256 -12.02 -7.11 17.66
CA SER D 256 -11.32 -7.20 16.39
C SER D 256 -11.53 -8.55 15.72
N LYS D 257 -12.60 -9.27 16.06
CA LYS D 257 -12.75 -10.65 15.61
C LYS D 257 -12.86 -10.79 14.09
N PHE D 258 -13.20 -9.72 13.37
CA PHE D 258 -13.30 -9.75 11.92
C PHE D 258 -12.07 -9.17 11.22
N MET D 259 -11.04 -8.77 11.96
CA MET D 259 -9.85 -8.20 11.36
C MET D 259 -8.70 -9.20 11.38
N THR D 260 -8.12 -9.45 10.20
CA THR D 260 -6.95 -10.31 10.14
C THR D 260 -6.09 -9.93 8.95
N GLY D 261 -4.79 -10.17 9.09
CA GLY D 261 -3.84 -9.90 8.03
C GLY D 261 -3.59 -8.43 7.77
N GLN D 262 -3.90 -7.55 8.72
CA GLN D 262 -3.72 -6.12 8.54
C GLN D 262 -2.49 -5.64 9.30
N THR D 263 -1.97 -4.50 8.87
CA THR D 263 -0.90 -3.80 9.55
C THR D 263 -1.44 -2.45 9.97
N VAL D 264 -1.35 -2.16 11.26
CA VAL D 264 -1.92 -0.93 11.81
C VAL D 264 -0.76 -0.07 12.29
N ALA D 265 -0.59 1.12 11.68
CA ALA D 265 0.51 1.99 12.02
C ALA D 265 0.06 3.02 13.06
N LEU D 266 0.83 3.13 14.14
CA LEU D 266 0.63 4.13 15.19
C LEU D 266 1.82 5.08 15.10
N ASP D 267 1.64 6.17 14.34
CA ASP D 267 2.80 6.96 13.96
C ASP D 267 2.48 8.44 13.84
N ALA D 268 1.34 8.91 14.33
CA ALA D 268 0.97 10.32 14.27
C ALA D 268 1.01 10.86 12.84
N GLY D 269 0.74 10.00 11.86
CA GLY D 269 0.72 10.47 10.48
C GLY D 269 2.08 10.70 9.88
N LEU D 270 3.13 10.08 10.44
CA LEU D 270 4.44 10.08 9.79
C LEU D 270 4.33 9.59 8.36
N ARG D 271 3.52 8.56 8.16
CA ARG D 271 3.10 8.11 6.86
C ARG D 271 1.58 7.95 6.88
N PHE D 272 1.00 7.89 5.70
CA PHE D 272 -0.44 7.74 5.56
C PHE D 272 -0.72 6.44 4.80
N THR D 273 -1.91 5.89 5.07
CA THR D 273 -2.34 4.66 4.43
C THR D 273 -3.79 4.75 4.02
#